data_8Q40
#
_entry.id   8Q40
#
_cell.length_a   57.696
_cell.length_b   79.062
_cell.length_c   94.579
_cell.angle_alpha   90.000
_cell.angle_beta   95.360
_cell.angle_gamma   90.000
#
_symmetry.space_group_name_H-M   'P 1 21 1'
#
loop_
_entity.id
_entity.type
_entity.pdbx_description
1 polymer 'DUF1887 family protein'
2 polymer "DNA (5'-D(*TP*CP*A)-3')"
3 polymer 'Cyclic tetraadenosine monophosphate (cA4)'
4 non-polymer 'MANGANESE (II) ION'
5 water water
#
loop_
_entity_poly.entity_id
_entity_poly.type
_entity_poly.pdbx_seq_one_letter_code
_entity_poly.pdbx_strand_id
1 'polypeptide(L)'
;SNMNEKVLVLIVGTNPLPNYVVGSHLKEKYDKFVLIYSEKNDKINQNSTYDYAKKLKEHLNLNDKCIFLPLSDVSNSEKI
INDLREKFPSEDFVEVHLNYTGGTKTMVVHIYNFLKEKFKNNKIKFEGSYLDARDYKLVYDYSEEAISLKDTIKIDINTL
LSIHLYEDIHFEFYDTYSYKQKFVDSFDKISQEIEKAIKDDKGEDFVKWLEDPFRKIFKGENKLLEKTAKFKKHIEKLLK
DNDSSPIVKFNEKTPQFIWDILNAFPEGKKLNDGQKLWIPDDKITNDNLSSRVKDTVEFLNGKWFEWYVYSQIKSELLDR
KLKEGEHFGISLKAQKKDSPYFELDIFLINGYQLIGISLTTSSTRELCKLKGFEVIHRVRQIGGDESKAILITGMDKSKT
EDLQKDLAYETGSTQKRFVVFGIDDWADIGSKICEEVFK
;
A,B
2 'polydeoxyribonucleotide' (DA)(DA)(DT)(DC)(DA)(DA)(DT)(DC)(DA) D,C
3 'polyribonucleotide' AAAA X
#
# COMPACT_ATOMS: atom_id res chain seq x y z
N MET A 3 6.88 -9.26 -48.37
CA MET A 3 5.88 -8.21 -48.54
C MET A 3 4.61 -8.53 -47.76
N ASN A 4 3.58 -7.67 -47.94
CA ASN A 4 2.29 -7.81 -47.27
C ASN A 4 2.44 -7.85 -45.76
N GLU A 5 3.39 -7.09 -45.23
CA GLU A 5 3.70 -7.15 -43.81
C GLU A 5 2.77 -6.25 -43.01
N LYS A 6 2.22 -6.80 -41.93
CA LYS A 6 1.42 -6.06 -40.97
C LYS A 6 2.20 -5.95 -39.67
N VAL A 7 2.31 -4.74 -39.13
CA VAL A 7 3.12 -4.48 -37.95
C VAL A 7 2.22 -4.00 -36.82
N LEU A 8 2.44 -4.54 -35.62
CA LEU A 8 1.75 -4.11 -34.42
C LEU A 8 2.71 -3.29 -33.57
N VAL A 9 2.23 -2.16 -33.06
CA VAL A 9 3.04 -1.23 -32.27
C VAL A 9 2.47 -1.16 -30.87
N LEU A 10 3.33 -1.35 -29.86
CA LEU A 10 2.95 -1.29 -28.46
C LEU A 10 3.83 -0.27 -27.74
N ILE A 11 3.23 0.47 -26.82
CA ILE A 11 3.93 1.45 -26.02
C ILE A 11 4.18 0.84 -24.65
N VAL A 12 5.46 0.68 -24.30
CA VAL A 12 5.86 -0.04 -23.09
C VAL A 12 6.00 0.98 -21.96
N GLY A 13 4.97 1.04 -21.10
CA GLY A 13 5.04 1.76 -19.85
C GLY A 13 5.55 0.87 -18.74
N THR A 14 5.23 1.23 -17.51
CA THR A 14 5.63 0.45 -16.35
C THR A 14 4.63 -0.63 -15.97
N ASN A 15 3.53 -0.76 -16.71
CA ASN A 15 2.57 -1.85 -16.53
C ASN A 15 2.63 -2.77 -17.75
N PRO A 16 3.37 -3.88 -17.69
CA PRO A 16 3.51 -4.74 -18.87
C PRO A 16 2.29 -5.61 -19.14
N LEU A 17 1.37 -5.74 -18.18
CA LEU A 17 0.24 -6.67 -18.35
C LEU A 17 -0.67 -6.28 -19.51
N PRO A 18 -1.13 -5.03 -19.66
CA PRO A 18 -1.98 -4.72 -20.82
C PRO A 18 -1.29 -4.98 -22.15
N ASN A 19 0.02 -4.72 -22.24
CA ASN A 19 0.76 -5.05 -23.47
C ASN A 19 0.83 -6.55 -23.68
N TYR A 20 0.93 -7.33 -22.61
CA TYR A 20 0.92 -8.78 -22.74
C TYR A 20 -0.43 -9.27 -23.25
N VAL A 21 -1.52 -8.71 -22.73
CA VAL A 21 -2.85 -9.16 -23.12
C VAL A 21 -3.13 -8.80 -24.57
N VAL A 22 -2.83 -7.56 -24.96
CA VAL A 22 -2.99 -7.16 -26.35
C VAL A 22 -2.04 -7.94 -27.25
N GLY A 23 -0.81 -8.17 -26.77
CA GLY A 23 0.15 -8.94 -27.55
C GLY A 23 -0.30 -10.36 -27.77
N SER A 24 -0.84 -11.00 -26.72
CA SER A 24 -1.32 -12.37 -26.87
C SER A 24 -2.53 -12.44 -27.80
N HIS A 25 -3.39 -11.43 -27.75
CA HIS A 25 -4.63 -11.47 -28.53
C HIS A 25 -4.36 -11.28 -30.02
N LEU A 26 -3.42 -10.40 -30.37
CA LEU A 26 -3.20 -9.99 -31.75
C LEU A 26 -1.94 -10.59 -32.37
N LYS A 27 -1.21 -11.43 -31.64
CA LYS A 27 0.10 -11.87 -32.12
C LYS A 27 0.00 -12.62 -33.44
N GLU A 28 -0.99 -13.50 -33.58
CA GLU A 28 -1.09 -14.37 -34.75
C GLU A 28 -1.32 -13.61 -36.05
N LYS A 29 -1.70 -12.33 -35.98
CA LYS A 29 -2.11 -11.59 -37.17
C LYS A 29 -1.09 -10.57 -37.64
N TYR A 30 0.06 -10.45 -36.98
CA TYR A 30 1.05 -9.45 -37.34
C TYR A 30 2.42 -10.08 -37.52
N ASP A 31 3.13 -9.61 -38.53
CA ASP A 31 4.43 -10.13 -38.90
C ASP A 31 5.56 -9.53 -38.10
N LYS A 32 5.47 -8.26 -37.74
CA LYS A 32 6.51 -7.58 -36.98
C LYS A 32 5.88 -6.80 -35.83
N PHE A 33 6.68 -6.58 -34.78
CA PHE A 33 6.20 -5.98 -33.55
C PHE A 33 7.19 -4.91 -33.10
N VAL A 34 6.71 -3.68 -32.97
CA VAL A 34 7.54 -2.55 -32.56
C VAL A 34 7.22 -2.25 -31.10
N LEU A 35 8.19 -2.48 -30.22
CA LEU A 35 8.08 -2.19 -28.80
C LEU A 35 8.78 -0.86 -28.53
N ILE A 36 7.99 0.18 -28.25
CA ILE A 36 8.51 1.51 -27.99
C ILE A 36 8.65 1.67 -26.49
N TYR A 37 9.89 1.87 -26.04
CA TYR A 37 10.22 1.89 -24.61
C TYR A 37 11.09 3.10 -24.31
N SER A 38 11.24 3.38 -23.02
CA SER A 38 11.99 4.54 -22.55
C SER A 38 13.43 4.17 -22.21
N GLU A 39 14.32 5.13 -22.43
CA GLU A 39 15.71 5.02 -21.99
C GLU A 39 15.87 5.68 -20.62
N LYS A 40 16.93 5.28 -19.92
CA LYS A 40 17.18 5.76 -18.57
C LYS A 40 18.04 7.01 -18.61
N ASN A 41 17.59 8.06 -17.90
CA ASN A 41 18.34 9.34 -17.83
C ASN A 41 18.05 9.96 -16.46
N ASP A 42 18.99 9.85 -15.52
CA ASP A 42 18.80 10.37 -14.17
C ASP A 42 18.72 11.89 -14.14
N LYS A 43 19.27 12.57 -15.15
CA LYS A 43 19.21 14.03 -15.18
C LYS A 43 17.77 14.51 -15.26
N ILE A 44 16.94 13.84 -16.05
CA ILE A 44 15.53 14.19 -16.19
C ILE A 44 14.65 13.26 -15.35
N ASN A 45 15.24 12.52 -14.41
CA ASN A 45 14.51 11.67 -13.47
C ASN A 45 13.64 10.63 -14.20
N GLN A 46 14.18 10.07 -15.27
CA GLN A 46 13.46 9.15 -16.14
C GLN A 46 14.10 7.77 -16.07
N ASN A 47 13.36 6.80 -15.54
CA ASN A 47 13.80 5.42 -15.56
C ASN A 47 13.44 4.78 -16.90
N SER A 48 13.99 3.59 -17.16
CA SER A 48 13.79 2.90 -18.41
C SER A 48 12.78 1.76 -18.22
N THR A 49 11.99 1.50 -19.26
CA THR A 49 11.09 0.36 -19.30
C THR A 49 11.61 -0.74 -20.22
N TYR A 50 12.91 -0.74 -20.50
CA TYR A 50 13.48 -1.77 -21.36
C TYR A 50 13.36 -3.15 -20.74
N ASP A 51 13.38 -3.24 -19.42
CA ASP A 51 13.20 -4.53 -18.76
C ASP A 51 11.83 -5.12 -19.10
N TYR A 52 10.78 -4.30 -19.04
CA TYR A 52 9.46 -4.78 -19.42
C TYR A 52 9.41 -5.14 -20.90
N ALA A 53 10.09 -4.37 -21.74
CA ALA A 53 10.12 -4.68 -23.17
C ALA A 53 10.79 -6.02 -23.42
N LYS A 54 11.86 -6.33 -22.68
CA LYS A 54 12.50 -7.63 -22.83
C LYS A 54 11.59 -8.76 -22.37
N LYS A 55 10.87 -8.56 -21.27
CA LYS A 55 9.94 -9.56 -20.79
C LYS A 55 8.78 -9.75 -21.77
N LEU A 56 8.34 -8.66 -22.39
CA LEU A 56 7.26 -8.77 -23.37
C LEU A 56 7.70 -9.55 -24.60
N LYS A 57 8.94 -9.32 -25.07
CA LYS A 57 9.44 -10.09 -26.19
C LYS A 57 9.59 -11.56 -25.83
N GLU A 58 10.05 -11.84 -24.61
CA GLU A 58 10.28 -13.22 -24.20
C GLU A 58 8.97 -14.00 -24.07
N HIS A 59 8.05 -13.51 -23.24
CA HIS A 59 6.84 -14.25 -22.93
C HIS A 59 5.79 -14.18 -24.03
N LEU A 60 5.97 -13.35 -25.05
CA LEU A 60 5.15 -13.40 -26.24
C LEU A 60 5.82 -14.17 -27.37
N ASN A 61 7.07 -14.61 -27.18
CA ASN A 61 7.78 -15.39 -28.19
C ASN A 61 7.81 -14.66 -29.53
N LEU A 62 8.28 -13.41 -29.50
CA LEU A 62 8.31 -12.61 -30.72
C LEU A 62 9.55 -12.90 -31.55
N ASN A 63 10.68 -13.14 -30.90
CA ASN A 63 11.95 -13.52 -31.54
C ASN A 63 12.37 -12.38 -32.48
N ASP A 64 12.90 -12.70 -33.66
CA ASP A 64 13.41 -11.69 -34.58
C ASP A 64 12.31 -10.81 -35.18
N LYS A 65 11.03 -11.14 -34.94
CA LYS A 65 9.94 -10.30 -35.38
C LYS A 65 9.73 -9.09 -34.46
N CYS A 66 10.52 -8.97 -33.40
CA CYS A 66 10.40 -7.89 -32.44
C CYS A 66 11.41 -6.80 -32.75
N ILE A 67 10.94 -5.56 -32.77
CA ILE A 67 11.79 -4.39 -33.00
C ILE A 67 11.70 -3.50 -31.77
N PHE A 68 12.82 -3.35 -31.07
CA PHE A 68 12.89 -2.42 -29.96
C PHE A 68 13.15 -1.02 -30.48
N LEU A 69 12.31 -0.07 -30.08
CA LEU A 69 12.46 1.33 -30.48
C LEU A 69 12.65 2.19 -29.24
N PRO A 70 13.88 2.58 -28.91
CA PRO A 70 14.11 3.35 -27.69
C PRO A 70 13.77 4.83 -27.88
N LEU A 71 13.19 5.41 -26.83
CA LEU A 71 12.95 6.85 -26.76
C LEU A 71 13.82 7.46 -25.67
N SER A 72 14.43 8.60 -25.98
CA SER A 72 15.37 9.24 -25.06
C SER A 72 14.68 10.11 -24.01
N ASP A 73 13.55 10.73 -24.36
CA ASP A 73 12.85 11.63 -23.45
C ASP A 73 11.36 11.45 -23.69
N VAL A 74 10.66 10.81 -22.75
CA VAL A 74 9.25 10.48 -22.92
C VAL A 74 8.32 11.62 -22.54
N SER A 75 8.84 12.78 -22.17
CA SER A 75 8.03 13.94 -21.86
C SER A 75 8.22 15.07 -22.87
N ASN A 76 8.99 14.83 -23.93
CA ASN A 76 9.39 15.85 -24.88
C ASN A 76 8.82 15.49 -26.26
N SER A 77 7.81 16.25 -26.68
CA SER A 77 7.16 16.00 -27.97
C SER A 77 8.19 15.92 -29.11
N GLU A 78 9.15 16.84 -29.13
CA GLU A 78 10.09 16.91 -30.24
C GLU A 78 11.04 15.72 -30.24
N LYS A 79 11.64 15.40 -29.10
CA LYS A 79 12.57 14.27 -29.04
C LYS A 79 11.88 12.95 -29.34
N ILE A 80 10.59 12.84 -29.00
CA ILE A 80 9.85 11.62 -29.32
C ILE A 80 9.75 11.44 -30.82
N ILE A 81 9.39 12.51 -31.53
CA ILE A 81 9.22 12.42 -32.98
C ILE A 81 10.55 12.18 -33.67
N ASN A 82 11.61 12.87 -33.24
CA ASN A 82 12.93 12.65 -33.82
C ASN A 82 13.35 11.19 -33.68
N ASP A 83 13.12 10.60 -32.50
CA ASP A 83 13.44 9.19 -32.30
C ASP A 83 12.58 8.29 -33.17
N LEU A 84 11.29 8.64 -33.32
CA LEU A 84 10.41 7.83 -34.16
C LEU A 84 10.83 7.88 -35.62
N ARG A 85 11.19 9.07 -36.11
CA ARG A 85 11.60 9.19 -37.51
C ARG A 85 12.86 8.37 -37.81
N GLU A 86 13.81 8.36 -36.88
CA GLU A 86 15.11 7.74 -37.11
C GLU A 86 15.13 6.25 -36.81
N LYS A 87 14.17 5.73 -36.04
CA LYS A 87 14.23 4.37 -35.57
C LYS A 87 13.05 3.49 -35.96
N PHE A 88 11.96 4.07 -36.45
CA PHE A 88 10.84 3.22 -36.86
C PHE A 88 11.18 2.49 -38.14
N PRO A 89 10.81 1.22 -38.27
CA PRO A 89 11.18 0.43 -39.46
C PRO A 89 10.74 1.10 -40.75
N SER A 90 11.67 1.15 -41.71
CA SER A 90 11.47 1.80 -43.00
C SER A 90 10.84 0.89 -44.04
N GLU A 91 10.54 -0.36 -43.70
CA GLU A 91 9.97 -1.29 -44.66
C GLU A 91 8.56 -0.83 -45.07
N ASP A 92 8.07 -1.42 -46.16
CA ASP A 92 6.73 -1.14 -46.63
C ASP A 92 5.74 -2.06 -45.92
N PHE A 93 4.79 -1.46 -45.20
CA PHE A 93 3.79 -2.21 -44.45
C PHE A 93 2.41 -1.97 -45.06
N VAL A 94 1.61 -3.04 -45.13
CA VAL A 94 0.23 -2.93 -45.57
C VAL A 94 -0.73 -2.63 -44.43
N GLU A 95 -0.29 -2.80 -43.18
CA GLU A 95 -1.11 -2.45 -42.03
C GLU A 95 -0.20 -2.06 -40.87
N VAL A 96 -0.53 -0.96 -40.21
CA VAL A 96 0.18 -0.51 -39.02
C VAL A 96 -0.87 -0.35 -37.92
N HIS A 97 -0.84 -1.25 -36.93
CA HIS A 97 -1.76 -1.22 -35.81
C HIS A 97 -1.00 -0.78 -34.56
N LEU A 98 -1.45 0.32 -33.98
CA LEU A 98 -0.85 0.85 -32.75
C LEU A 98 -1.85 0.71 -31.62
N ASN A 99 -1.47 -0.05 -30.59
CA ASN A 99 -2.20 -0.07 -29.33
C ASN A 99 -1.49 0.91 -28.39
N TYR A 100 -2.14 2.02 -28.09
CA TYR A 100 -1.54 3.12 -27.34
C TYR A 100 -1.91 3.10 -25.86
N THR A 101 -2.08 1.91 -25.29
CA THR A 101 -2.55 1.82 -23.92
C THR A 101 -1.47 2.21 -22.91
N GLY A 102 -0.21 1.86 -23.19
CA GLY A 102 0.87 2.08 -22.25
C GLY A 102 1.56 3.42 -22.42
N GLY A 103 2.51 3.69 -21.51
CA GLY A 103 3.40 4.83 -21.64
C GLY A 103 2.77 6.14 -21.19
N THR A 104 3.60 7.19 -21.23
CA THR A 104 3.16 8.51 -20.83
C THR A 104 2.13 9.08 -21.81
N LYS A 105 1.49 10.17 -21.40
CA LYS A 105 0.52 10.82 -22.28
C LYS A 105 1.18 11.41 -23.52
N THR A 106 2.41 11.94 -23.37
CA THR A 106 3.10 12.51 -24.52
C THR A 106 3.58 11.42 -25.47
N MET A 107 4.00 10.27 -24.95
CA MET A 107 4.25 9.13 -25.81
C MET A 107 3.00 8.80 -26.62
N VAL A 108 1.84 8.76 -25.97
CA VAL A 108 0.62 8.32 -26.62
C VAL A 108 0.21 9.30 -27.72
N VAL A 109 0.22 10.61 -27.41
CA VAL A 109 -0.19 11.61 -28.39
C VAL A 109 0.71 11.57 -29.62
N HIS A 110 2.02 11.68 -29.40
CA HIS A 110 2.93 11.92 -30.51
C HIS A 110 3.36 10.65 -31.22
N ILE A 111 3.19 9.48 -30.60
CA ILE A 111 3.33 8.23 -31.35
C ILE A 111 2.10 8.02 -32.23
N TYR A 112 0.91 8.28 -31.69
CA TYR A 112 -0.31 8.15 -32.46
C TYR A 112 -0.30 9.04 -33.69
N ASN A 113 -0.05 10.34 -33.49
CA ASN A 113 -0.12 11.28 -34.60
C ASN A 113 1.03 11.10 -35.57
N PHE A 114 2.21 10.67 -35.10
CA PHE A 114 3.30 10.36 -36.01
C PHE A 114 2.92 9.21 -36.93
N LEU A 115 2.51 8.08 -36.34
CA LEU A 115 2.15 6.92 -37.14
C LEU A 115 0.95 7.20 -38.04
N LYS A 116 0.00 7.99 -37.55
CA LYS A 116 -1.17 8.31 -38.35
C LYS A 116 -0.80 9.06 -39.62
N GLU A 117 0.12 10.04 -39.51
CA GLU A 117 0.54 10.78 -40.69
C GLU A 117 1.40 9.92 -41.62
N LYS A 118 2.22 9.04 -41.04
CA LYS A 118 3.16 8.28 -41.86
C LYS A 118 2.45 7.20 -42.67
N PHE A 119 1.37 6.62 -42.15
CA PHE A 119 0.77 5.46 -42.78
C PHE A 119 -0.69 5.64 -43.17
N LYS A 120 -1.49 6.34 -42.37
CA LYS A 120 -2.88 6.57 -42.77
C LYS A 120 -2.97 7.51 -43.97
N ASN A 121 -1.94 8.32 -44.21
CA ASN A 121 -1.91 9.18 -45.38
C ASN A 121 -1.53 8.44 -46.66
N ASN A 122 -1.21 7.15 -46.58
CA ASN A 122 -0.77 6.38 -47.73
C ASN A 122 -1.79 5.33 -48.16
N LYS A 123 -3.03 5.47 -47.70
CA LYS A 123 -4.10 4.48 -47.90
C LYS A 123 -3.74 3.12 -47.30
N ILE A 124 -2.68 3.10 -46.49
CA ILE A 124 -2.26 1.84 -45.79
C ILE A 124 -3.16 1.68 -44.56
N LYS A 125 -3.49 0.45 -44.18
CA LYS A 125 -4.44 0.23 -43.05
C LYS A 125 -3.84 0.73 -41.74
N PHE A 126 -4.28 1.89 -41.26
CA PHE A 126 -3.84 2.37 -39.95
C PHE A 126 -4.97 2.19 -38.95
N GLU A 127 -4.64 1.60 -37.80
CA GLU A 127 -5.62 1.34 -36.77
C GLU A 127 -5.03 1.65 -35.41
N GLY A 128 -5.87 2.14 -34.51
CA GLY A 128 -5.48 2.39 -33.13
C GLY A 128 -6.43 1.68 -32.18
N SER A 129 -5.86 1.08 -31.14
CA SER A 129 -6.65 0.33 -30.16
C SER A 129 -6.23 0.74 -28.76
N TYR A 130 -7.10 0.39 -27.80
CA TYR A 130 -6.92 0.75 -26.40
C TYR A 130 -7.56 -0.34 -25.55
N LEU A 131 -6.80 -0.90 -24.61
CA LEU A 131 -7.31 -1.93 -23.72
C LEU A 131 -7.96 -1.26 -22.52
N ASP A 132 -9.28 -1.38 -22.41
CA ASP A 132 -10.02 -0.81 -21.29
C ASP A 132 -9.78 -1.63 -20.03
N ALA A 133 -9.25 -0.99 -18.99
CA ALA A 133 -8.99 -1.68 -17.72
C ALA A 133 -10.27 -1.94 -16.93
N ARG A 134 -11.32 -1.15 -17.14
CA ARG A 134 -12.51 -1.25 -16.31
C ARG A 134 -13.50 -2.30 -16.80
N ASP A 135 -13.63 -2.49 -18.12
CA ASP A 135 -14.56 -3.48 -18.64
C ASP A 135 -13.87 -4.52 -19.53
N TYR A 136 -12.55 -4.59 -19.51
CA TYR A 136 -11.79 -5.66 -20.18
C TYR A 136 -12.10 -5.74 -21.66
N LYS A 137 -12.13 -4.60 -22.33
CA LYS A 137 -12.45 -4.54 -23.74
C LYS A 137 -11.32 -3.88 -24.52
N LEU A 138 -10.96 -4.49 -25.65
CA LEU A 138 -10.05 -3.89 -26.62
C LEU A 138 -10.86 -3.03 -27.57
N VAL A 139 -10.70 -1.72 -27.49
CA VAL A 139 -11.52 -0.77 -28.24
C VAL A 139 -10.74 -0.31 -29.46
N TYR A 140 -11.36 -0.43 -30.63
CA TYR A 140 -10.75 -0.02 -31.90
C TYR A 140 -11.25 1.35 -32.29
N ASP A 141 -10.34 2.18 -32.81
CA ASP A 141 -10.71 3.55 -33.17
C ASP A 141 -11.50 3.60 -34.48
N TYR A 142 -10.96 3.00 -35.54
CA TYR A 142 -11.53 3.18 -36.87
C TYR A 142 -12.59 2.14 -37.21
N SER A 143 -12.32 0.86 -36.92
CA SER A 143 -13.35 -0.14 -37.12
C SER A 143 -14.49 0.01 -36.13
N GLU A 144 -14.28 0.76 -35.05
CA GLU A 144 -15.31 1.03 -34.03
C GLU A 144 -15.77 -0.27 -33.37
N GLU A 145 -14.82 -1.17 -33.11
CA GLU A 145 -15.15 -2.44 -32.42
C GLU A 145 -14.67 -2.38 -30.97
N ALA A 146 -15.26 -3.19 -30.09
CA ALA A 146 -14.81 -3.26 -28.68
C ALA A 146 -14.89 -4.71 -28.22
N ILE A 147 -13.86 -5.51 -28.50
CA ILE A 147 -13.90 -6.97 -28.19
C ILE A 147 -13.54 -7.21 -26.73
N SER A 148 -14.40 -7.89 -25.98
CA SER A 148 -14.09 -8.25 -24.60
C SER A 148 -13.06 -9.37 -24.58
N LEU A 149 -11.90 -9.11 -23.99
CA LEU A 149 -10.87 -10.12 -23.80
C LEU A 149 -10.91 -10.74 -22.40
N LYS A 150 -11.96 -10.45 -21.63
CA LYS A 150 -12.00 -10.83 -20.22
C LYS A 150 -11.85 -12.32 -20.03
N ASP A 151 -12.55 -13.13 -20.84
CA ASP A 151 -12.54 -14.57 -20.71
C ASP A 151 -11.79 -15.28 -21.82
N THR A 152 -11.19 -14.54 -22.75
CA THR A 152 -10.47 -15.13 -23.87
C THR A 152 -8.97 -15.19 -23.64
N ILE A 153 -8.39 -14.17 -23.00
CA ILE A 153 -6.96 -14.10 -22.76
C ILE A 153 -6.67 -14.61 -21.35
N LYS A 154 -5.73 -15.55 -21.24
CA LYS A 154 -5.35 -16.14 -19.98
C LYS A 154 -3.88 -15.88 -19.69
N ILE A 155 -3.51 -16.04 -18.43
CA ILE A 155 -2.13 -15.86 -17.98
C ILE A 155 -1.94 -16.67 -16.71
N ASP A 156 -0.72 -17.18 -16.52
CA ASP A 156 -0.37 -17.97 -15.36
C ASP A 156 0.48 -17.15 -14.39
N ILE A 157 0.58 -17.66 -13.16
CA ILE A 157 1.26 -16.93 -12.09
C ILE A 157 2.74 -16.77 -12.41
N ASN A 158 3.32 -17.70 -13.17
CA ASN A 158 4.74 -17.62 -13.49
C ASN A 158 5.03 -16.50 -14.48
N THR A 159 4.29 -16.45 -15.58
CA THR A 159 4.51 -15.40 -16.57
C THR A 159 4.03 -14.05 -16.05
N LEU A 160 2.96 -14.04 -15.26
CA LEU A 160 2.50 -12.78 -14.65
C LEU A 160 3.58 -12.18 -13.78
N LEU A 161 4.15 -12.98 -12.88
CA LEU A 161 5.20 -12.47 -12.00
C LEU A 161 6.48 -12.16 -12.77
N SER A 162 6.73 -12.87 -13.87
CA SER A 162 7.98 -12.67 -14.60
C SER A 162 7.97 -11.34 -15.36
N ILE A 163 6.88 -11.03 -16.07
CA ILE A 163 6.81 -9.75 -16.77
C ILE A 163 6.86 -8.58 -15.82
N HIS A 164 6.48 -8.78 -14.56
CA HIS A 164 6.64 -7.78 -13.53
C HIS A 164 7.97 -7.90 -12.80
N LEU A 165 8.92 -8.65 -13.37
CA LEU A 165 10.32 -8.73 -12.94
C LEU A 165 10.51 -9.53 -11.66
N TYR A 166 9.60 -10.43 -11.34
CA TYR A 166 9.76 -11.31 -10.19
C TYR A 166 10.19 -12.70 -10.64
N GLU A 167 10.94 -13.37 -9.78
CA GLU A 167 11.55 -14.65 -10.11
C GLU A 167 11.54 -15.55 -8.87
N ASP A 168 11.95 -16.81 -9.07
CA ASP A 168 11.99 -17.81 -8.01
C ASP A 168 10.60 -17.99 -7.39
N ILE A 169 9.66 -18.41 -8.23
CA ILE A 169 8.25 -18.45 -7.89
C ILE A 169 7.91 -19.81 -7.29
N HIS A 170 7.50 -19.82 -6.02
CA HIS A 170 7.15 -21.03 -5.31
C HIS A 170 5.72 -20.93 -4.78
N PHE A 171 5.11 -22.09 -4.58
CA PHE A 171 3.76 -22.21 -4.04
C PHE A 171 3.49 -23.67 -3.77
N GLU A 172 2.41 -23.94 -3.05
CA GLU A 172 2.02 -25.30 -2.68
C GLU A 172 0.68 -25.65 -3.30
N PHE A 173 0.54 -26.93 -3.66
CA PHE A 173 -0.71 -27.47 -4.18
C PHE A 173 -1.58 -28.00 -3.04
N TYR A 174 -2.84 -28.30 -3.39
CA TYR A 174 -3.69 -29.06 -2.48
C TYR A 174 -3.02 -30.37 -2.07
N ASP A 175 -2.40 -31.07 -3.03
CA ASP A 175 -1.80 -32.37 -2.79
C ASP A 175 -0.42 -32.28 -2.16
N THR A 176 0.17 -31.08 -2.04
CA THR A 176 1.50 -30.91 -1.47
C THR A 176 1.51 -29.99 -0.26
N TYR A 177 0.35 -29.74 0.35
CA TYR A 177 0.27 -28.84 1.49
C TYR A 177 1.20 -29.31 2.60
N SER A 178 1.93 -28.36 3.19
CA SER A 178 3.02 -28.71 4.09
C SER A 178 2.51 -29.46 5.31
N TYR A 179 1.42 -28.99 5.91
CA TYR A 179 0.92 -29.61 7.13
C TYR A 179 0.31 -30.99 6.91
N LYS A 180 0.09 -31.39 5.65
CA LYS A 180 -0.30 -32.77 5.38
C LYS A 180 0.83 -33.74 5.68
N GLN A 181 2.08 -33.28 5.69
CA GLN A 181 3.20 -34.10 6.10
C GLN A 181 3.42 -34.09 7.60
N LYS A 182 3.07 -32.98 8.27
CA LYS A 182 3.25 -32.92 9.72
C LYS A 182 2.22 -33.79 10.44
N PHE A 183 1.08 -34.02 9.80
CA PHE A 183 0.01 -34.85 10.41
C PHE A 183 -0.45 -35.92 9.41
N VAL A 184 0.48 -36.74 8.92
CA VAL A 184 0.12 -37.82 8.01
C VAL A 184 -0.82 -38.78 8.72
N ASP A 185 -1.80 -39.31 7.98
CA ASP A 185 -2.87 -40.18 8.44
C ASP A 185 -3.83 -39.48 9.40
N SER A 186 -3.69 -38.17 9.62
CA SER A 186 -4.54 -37.45 10.55
C SER A 186 -4.93 -36.05 10.09
N PHE A 187 -4.30 -35.48 9.08
CA PHE A 187 -4.63 -34.12 8.66
C PHE A 187 -6.08 -34.01 8.21
N ASP A 188 -6.56 -34.98 7.43
CA ASP A 188 -7.93 -34.92 6.94
C ASP A 188 -8.94 -34.87 8.10
N LYS A 189 -8.75 -35.75 9.10
CA LYS A 189 -9.62 -35.71 10.27
C LYS A 189 -9.54 -34.37 10.99
N ILE A 190 -8.32 -33.83 11.12
CA ILE A 190 -8.14 -32.56 11.82
C ILE A 190 -8.84 -31.43 11.08
N SER A 191 -8.59 -31.34 9.76
CA SER A 191 -9.17 -30.24 8.98
C SER A 191 -10.68 -30.40 8.83
N GLN A 192 -11.18 -31.63 8.75
CA GLN A 192 -12.62 -31.83 8.62
C GLN A 192 -13.36 -31.45 9.90
N GLU A 193 -12.75 -31.73 11.06
CA GLU A 193 -13.38 -31.33 12.32
C GLU A 193 -13.42 -29.81 12.45
N ILE A 194 -12.31 -29.14 12.12
CA ILE A 194 -12.30 -27.69 12.15
C ILE A 194 -13.29 -27.13 11.13
N GLU A 195 -13.34 -27.72 9.94
CA GLU A 195 -14.25 -27.22 8.91
C GLU A 195 -15.70 -27.32 9.35
N LYS A 196 -16.07 -28.43 9.98
CA LYS A 196 -17.45 -28.60 10.44
C LYS A 196 -17.83 -27.52 11.46
N ALA A 197 -16.90 -27.16 12.35
CA ALA A 197 -17.19 -26.14 13.35
C ALA A 197 -17.34 -24.76 12.70
N ILE A 198 -16.44 -24.42 11.79
CA ILE A 198 -16.48 -23.11 11.15
C ILE A 198 -17.74 -22.97 10.30
N LYS A 199 -18.15 -24.04 9.63
CA LYS A 199 -19.41 -24.05 8.89
C LYS A 199 -20.62 -24.12 9.81
N ASP A 200 -20.42 -24.29 11.11
CA ASP A 200 -21.48 -24.21 12.10
C ASP A 200 -21.49 -22.85 12.81
N ASP A 201 -20.80 -21.86 12.24
CA ASP A 201 -20.73 -20.50 12.79
C ASP A 201 -20.04 -20.46 14.15
N LYS A 202 -19.14 -21.41 14.42
CA LYS A 202 -18.35 -21.41 15.64
C LYS A 202 -17.04 -20.64 15.49
N GLY A 203 -16.84 -19.96 14.36
CA GLY A 203 -15.56 -19.31 14.12
C GLY A 203 -15.24 -18.25 15.16
N GLU A 204 -16.23 -17.44 15.53
CA GLU A 204 -15.99 -16.39 16.51
C GLU A 204 -15.64 -16.96 17.87
N ASP A 205 -16.37 -17.99 18.31
CA ASP A 205 -16.05 -18.64 19.58
C ASP A 205 -14.68 -19.30 19.53
N PHE A 206 -14.33 -19.85 18.36
CA PHE A 206 -13.03 -20.52 18.23
C PHE A 206 -11.88 -19.53 18.40
N VAL A 207 -11.95 -18.40 17.70
CA VAL A 207 -10.83 -17.46 17.73
C VAL A 207 -10.71 -16.79 19.09
N LYS A 208 -11.82 -16.59 19.80
CA LYS A 208 -11.72 -16.04 21.15
C LYS A 208 -11.04 -17.02 22.08
N TRP A 209 -11.33 -18.32 21.93
CA TRP A 209 -10.65 -19.34 22.72
C TRP A 209 -9.17 -19.43 22.34
N LEU A 210 -8.86 -19.18 21.06
CA LEU A 210 -7.46 -19.19 20.64
C LEU A 210 -6.68 -18.06 21.28
N GLU A 211 -7.31 -16.90 21.47
CA GLU A 211 -6.65 -15.82 22.19
C GLU A 211 -6.48 -16.17 23.67
N ASP A 212 -7.59 -16.60 24.29
CA ASP A 212 -7.54 -17.00 25.72
C ASP A 212 -8.40 -18.26 25.88
N PRO A 213 -7.82 -19.39 26.34
CA PRO A 213 -6.49 -19.41 26.93
C PRO A 213 -5.38 -20.03 26.07
N PHE A 214 -5.67 -20.33 24.80
CA PHE A 214 -4.69 -21.06 23.97
C PHE A 214 -3.39 -20.27 23.82
N ARG A 215 -3.48 -19.02 23.35
CA ARG A 215 -2.27 -18.24 23.14
C ARG A 215 -1.60 -17.85 24.45
N LYS A 216 -2.37 -17.75 25.54
CA LYS A 216 -1.76 -17.48 26.84
C LYS A 216 -0.91 -18.66 27.31
N ILE A 217 -1.24 -19.87 26.87
CA ILE A 217 -0.54 -21.06 27.35
C ILE A 217 0.63 -21.43 26.45
N PHE A 218 0.43 -21.41 25.13
CA PHE A 218 1.39 -21.96 24.19
C PHE A 218 2.21 -20.91 23.46
N LYS A 219 2.06 -19.63 23.79
CA LYS A 219 2.83 -18.57 23.16
C LYS A 219 3.50 -17.71 24.22
N GLY A 220 4.77 -17.41 24.02
CA GLY A 220 5.54 -16.60 24.94
C GLY A 220 6.94 -16.34 24.44
N GLU A 221 7.94 -16.74 25.22
CA GLU A 221 9.32 -16.63 24.78
C GLU A 221 9.57 -17.52 23.57
N ASN A 222 10.53 -17.12 22.74
CA ASN A 222 10.89 -17.93 21.59
C ASN A 222 11.32 -19.32 22.03
N LYS A 223 10.86 -20.33 21.29
CA LYS A 223 11.12 -21.73 21.60
C LYS A 223 10.54 -22.14 22.95
N LEU A 224 9.43 -21.51 23.34
CA LEU A 224 8.74 -21.92 24.56
C LEU A 224 8.30 -23.37 24.49
N LEU A 225 7.82 -23.80 23.34
CA LEU A 225 7.29 -25.15 23.14
C LEU A 225 8.35 -26.14 22.68
N GLU A 226 9.62 -25.74 22.69
CA GLU A 226 10.71 -26.63 22.30
C GLU A 226 11.74 -26.79 23.41
N LYS A 227 11.58 -26.09 24.53
CA LYS A 227 12.46 -26.22 25.69
C LYS A 227 11.59 -26.55 26.89
N THR A 228 11.77 -27.74 27.45
CA THR A 228 10.91 -28.19 28.55
C THR A 228 11.00 -27.26 29.76
N ALA A 229 12.21 -26.77 30.05
CA ALA A 229 12.37 -25.85 31.18
C ALA A 229 11.67 -24.54 30.93
N LYS A 230 11.66 -24.06 29.68
CA LYS A 230 10.93 -22.83 29.36
C LYS A 230 9.43 -23.04 29.49
N PHE A 231 8.93 -24.22 29.08
CA PHE A 231 7.50 -24.47 29.12
C PHE A 231 7.02 -24.74 30.54
N LYS A 232 7.72 -25.62 31.26
CA LYS A 232 7.28 -26.00 32.61
C LYS A 232 7.36 -24.81 33.56
N LYS A 233 8.42 -24.00 33.46
CA LYS A 233 8.49 -22.80 34.28
C LYS A 233 7.35 -21.84 33.93
N HIS A 234 7.10 -21.64 32.63
CA HIS A 234 5.99 -20.80 32.19
C HIS A 234 4.67 -21.31 32.74
N ILE A 235 4.47 -22.63 32.72
CA ILE A 235 3.22 -23.19 33.20
C ILE A 235 3.09 -23.01 34.71
N GLU A 236 4.19 -23.17 35.45
CA GLU A 236 4.15 -22.95 36.89
C GLU A 236 3.78 -21.51 37.22
N LYS A 237 4.22 -20.56 36.39
CA LYS A 237 3.82 -19.17 36.61
C LYS A 237 2.33 -18.98 36.39
N LEU A 238 1.76 -19.66 35.38
CA LEU A 238 0.32 -19.58 35.15
C LEU A 238 -0.45 -20.20 36.31
N LEU A 239 0.09 -21.28 36.90
CA LEU A 239 -0.60 -21.94 38.00
C LEU A 239 -0.67 -21.07 39.24
N LYS A 240 0.34 -20.24 39.48
CA LYS A 240 0.31 -19.34 40.62
C LYS A 240 -0.77 -18.27 40.49
N ASP A 241 -1.20 -17.98 39.26
CA ASP A 241 -2.35 -17.11 39.02
C ASP A 241 -3.64 -17.93 38.94
N ASN A 242 -3.87 -18.76 39.97
CA ASN A 242 -4.96 -19.73 39.93
C ASN A 242 -6.32 -19.06 39.78
N ASP A 243 -6.45 -17.80 40.20
CA ASP A 243 -7.72 -17.09 40.05
C ASP A 243 -8.12 -17.01 38.58
N SER A 244 -7.30 -16.38 37.75
CA SER A 244 -7.55 -16.20 36.34
C SER A 244 -6.60 -17.03 35.49
N SER A 245 -6.31 -18.25 35.93
CA SER A 245 -5.32 -19.08 35.24
C SER A 245 -5.87 -19.53 33.89
N PRO A 246 -5.10 -19.39 32.81
CA PRO A 246 -5.52 -19.98 31.53
C PRO A 246 -5.57 -21.49 31.56
N ILE A 247 -4.86 -22.12 32.50
CA ILE A 247 -4.91 -23.58 32.62
C ILE A 247 -6.25 -24.03 33.16
N VAL A 248 -6.80 -23.29 34.14
CA VAL A 248 -8.12 -23.60 34.66
C VAL A 248 -9.18 -23.38 33.59
N LYS A 249 -9.06 -22.27 32.83
CA LYS A 249 -10.00 -22.00 31.76
C LYS A 249 -9.93 -23.07 30.68
N PHE A 250 -8.73 -23.56 30.39
CA PHE A 250 -8.57 -24.64 29.43
C PHE A 250 -9.31 -25.89 29.89
N ASN A 251 -9.14 -26.27 31.16
CA ASN A 251 -9.68 -27.54 31.64
C ASN A 251 -11.18 -27.48 31.85
N GLU A 252 -11.72 -26.31 32.18
CA GLU A 252 -13.11 -26.20 32.62
C GLU A 252 -14.01 -25.41 31.67
N LYS A 253 -13.46 -24.45 30.93
CA LYS A 253 -14.27 -23.54 30.12
C LYS A 253 -14.10 -23.78 28.63
N THR A 254 -13.45 -24.86 28.22
CA THR A 254 -13.26 -25.12 26.80
C THR A 254 -14.53 -25.70 26.19
N PRO A 255 -15.07 -25.10 25.14
CA PRO A 255 -16.28 -25.64 24.52
C PRO A 255 -16.06 -27.05 23.98
N GLN A 256 -17.17 -27.78 23.83
CA GLN A 256 -17.08 -29.17 23.41
C GLN A 256 -16.57 -29.30 21.98
N PHE A 257 -16.94 -28.36 21.11
CA PHE A 257 -16.47 -28.43 19.72
C PHE A 257 -14.96 -28.25 19.62
N ILE A 258 -14.34 -27.59 20.61
CA ILE A 258 -12.89 -27.44 20.60
C ILE A 258 -12.23 -28.70 21.13
N TRP A 259 -12.84 -29.35 22.13
CA TRP A 259 -12.35 -30.67 22.54
C TRP A 259 -12.34 -31.63 21.37
N ASP A 260 -13.40 -31.59 20.55
CA ASP A 260 -13.43 -32.42 19.35
C ASP A 260 -12.31 -32.07 18.40
N ILE A 261 -12.00 -30.78 18.26
CA ILE A 261 -10.88 -30.35 17.44
C ILE A 261 -9.56 -30.84 18.06
N LEU A 262 -9.40 -30.63 19.36
CA LEU A 262 -8.18 -31.07 20.03
C LEU A 262 -8.03 -32.59 19.97
N ASN A 263 -9.12 -33.31 20.20
CA ASN A 263 -9.07 -34.77 20.14
C ASN A 263 -8.99 -35.30 18.72
N ALA A 264 -9.09 -34.45 17.71
CA ALA A 264 -8.94 -34.90 16.32
C ALA A 264 -7.49 -35.12 15.94
N PHE A 265 -6.55 -34.58 16.70
CA PHE A 265 -5.13 -34.76 16.43
C PHE A 265 -4.69 -36.16 16.85
N PRO A 266 -3.61 -36.67 16.24
CA PRO A 266 -3.08 -37.96 16.68
C PRO A 266 -2.66 -37.89 18.15
N GLU A 267 -2.67 -39.05 18.81
CA GLU A 267 -2.50 -39.09 20.25
C GLU A 267 -1.17 -38.49 20.69
N GLY A 268 -0.12 -38.75 19.93
CA GLY A 268 1.19 -38.18 20.22
C GLY A 268 1.37 -36.73 19.86
N LYS A 269 0.34 -36.07 19.35
CA LYS A 269 0.40 -34.66 19.01
C LYS A 269 -0.77 -33.88 19.59
N LYS A 270 -1.43 -34.41 20.61
CA LYS A 270 -2.50 -33.71 21.28
C LYS A 270 -1.95 -32.73 22.30
N LEU A 271 -2.63 -31.59 22.43
CA LEU A 271 -2.33 -30.63 23.49
C LEU A 271 -2.97 -31.03 24.82
N ASN A 272 -3.93 -31.95 24.79
CA ASN A 272 -4.69 -32.35 25.97
C ASN A 272 -4.33 -33.77 26.37
N ASP A 273 -4.28 -34.01 27.69
CA ASP A 273 -4.23 -35.35 28.25
C ASP A 273 -5.63 -35.67 28.74
N GLY A 274 -6.41 -36.34 27.90
CA GLY A 274 -7.81 -36.59 28.22
C GLY A 274 -8.64 -35.32 28.13
N GLN A 275 -9.18 -34.89 29.26
CA GLN A 275 -10.02 -33.70 29.34
C GLN A 275 -9.35 -32.60 30.15
N LYS A 276 -8.03 -32.46 29.99
CA LYS A 276 -7.28 -31.41 30.67
C LYS A 276 -5.98 -31.17 29.92
N LEU A 277 -5.32 -30.07 30.26
CA LEU A 277 -4.08 -29.70 29.61
C LEU A 277 -2.98 -30.69 29.95
N TRP A 278 -2.22 -31.11 28.92
CA TRP A 278 -1.08 -32.00 29.12
C TRP A 278 0.11 -31.19 29.61
N ILE A 279 0.53 -31.45 30.85
CA ILE A 279 1.70 -30.80 31.43
C ILE A 279 2.88 -31.75 31.26
N PRO A 280 3.98 -31.33 30.63
CA PRO A 280 5.12 -32.23 30.46
C PRO A 280 5.77 -32.54 31.80
N ASP A 281 6.06 -33.82 32.01
CA ASP A 281 6.78 -34.24 33.20
C ASP A 281 8.28 -34.05 33.00
N ASP A 282 9.05 -34.22 34.08
CA ASP A 282 10.49 -34.05 33.98
C ASP A 282 11.14 -35.13 33.13
N LYS A 283 10.45 -36.25 32.92
CA LYS A 283 10.96 -37.27 32.00
C LYS A 283 10.85 -36.84 30.55
N ILE A 284 9.96 -35.89 30.24
CA ILE A 284 9.79 -35.43 28.86
C ILE A 284 10.99 -34.59 28.48
N THR A 285 11.65 -34.98 27.39
CA THR A 285 12.79 -34.24 26.87
C THR A 285 12.33 -33.09 25.98
N ASN A 286 13.28 -32.25 25.57
CA ASN A 286 12.97 -31.18 24.64
C ASN A 286 12.41 -31.73 23.33
N ASP A 287 12.92 -32.89 22.90
CA ASP A 287 12.47 -33.48 21.65
C ASP A 287 11.04 -34.00 21.75
N ASN A 288 10.70 -34.64 22.88
CA ASN A 288 9.34 -35.12 23.06
C ASN A 288 8.35 -33.97 23.10
N LEU A 289 8.69 -32.89 23.80
CA LEU A 289 7.80 -31.74 23.89
C LEU A 289 7.56 -31.11 22.52
N SER A 290 8.63 -30.94 21.74
CA SER A 290 8.48 -30.36 20.41
C SER A 290 7.76 -31.33 19.47
N SER A 291 8.04 -32.63 19.61
CA SER A 291 7.35 -33.62 18.78
C SER A 291 5.85 -33.60 19.02
N ARG A 292 5.41 -33.29 20.24
CA ARG A 292 4.00 -33.37 20.58
C ARG A 292 3.26 -32.06 20.32
N VAL A 293 3.89 -30.92 20.51
CA VAL A 293 3.16 -29.67 20.66
C VAL A 293 3.48 -28.67 19.56
N LYS A 294 4.72 -28.69 19.05
CA LYS A 294 5.18 -27.63 18.16
C LYS A 294 4.32 -27.53 16.91
N ASP A 295 4.15 -28.64 16.19
CA ASP A 295 3.37 -28.61 14.95
C ASP A 295 1.90 -28.33 15.23
N THR A 296 1.36 -28.92 16.29
CA THR A 296 -0.06 -28.77 16.58
C THR A 296 -0.41 -27.33 16.91
N VAL A 297 0.43 -26.66 17.70
CA VAL A 297 0.15 -25.28 18.11
C VAL A 297 0.24 -24.34 16.90
N GLU A 298 1.29 -24.48 16.09
CA GLU A 298 1.45 -23.60 14.94
C GLU A 298 0.28 -23.73 13.98
N PHE A 299 -0.26 -24.93 13.84
CA PHE A 299 -1.42 -25.12 12.97
C PHE A 299 -2.66 -24.47 13.54
N LEU A 300 -2.90 -24.65 14.85
CA LEU A 300 -4.07 -24.05 15.48
C LEU A 300 -3.92 -22.54 15.65
N ASN A 301 -2.69 -22.02 15.60
CA ASN A 301 -2.46 -20.60 15.80
C ASN A 301 -2.92 -19.75 14.61
N GLY A 302 -3.19 -20.35 13.46
CA GLY A 302 -3.66 -19.60 12.32
C GLY A 302 -3.42 -20.25 10.97
N LYS A 303 -2.46 -21.17 10.91
CA LYS A 303 -2.19 -21.86 9.65
C LYS A 303 -3.39 -22.68 9.19
N TRP A 304 -4.19 -23.18 10.14
CA TRP A 304 -5.41 -23.91 9.78
C TRP A 304 -6.32 -23.07 8.91
N PHE A 305 -6.37 -21.76 9.16
CA PHE A 305 -7.28 -20.89 8.43
C PHE A 305 -6.86 -20.76 6.96
N GLU A 306 -5.55 -20.79 6.70
CA GLU A 306 -5.08 -20.80 5.33
C GLU A 306 -5.59 -22.03 4.59
N TRP A 307 -5.48 -23.21 5.21
CA TRP A 307 -5.98 -24.40 4.56
C TRP A 307 -7.50 -24.38 4.43
N TYR A 308 -8.20 -23.94 5.48
CA TYR A 308 -9.66 -23.90 5.43
C TYR A 308 -10.15 -23.10 4.23
N VAL A 309 -9.70 -21.84 4.12
CA VAL A 309 -10.13 -20.98 3.03
C VAL A 309 -9.78 -21.61 1.68
N TYR A 310 -8.58 -22.16 1.57
CA TYR A 310 -8.16 -22.78 0.31
C TYR A 310 -9.06 -23.95 -0.05
N SER A 311 -9.48 -24.73 0.95
CA SER A 311 -10.33 -25.89 0.68
C SER A 311 -11.74 -25.48 0.30
N GLN A 312 -12.19 -24.31 0.73
CA GLN A 312 -13.55 -23.86 0.43
C GLN A 312 -13.69 -23.30 -0.98
N ILE A 313 -12.59 -23.07 -1.69
CA ILE A 313 -12.65 -22.50 -3.03
C ILE A 313 -12.14 -23.43 -4.11
N LYS A 314 -11.36 -24.47 -3.76
CA LYS A 314 -10.66 -25.24 -4.78
C LYS A 314 -11.62 -25.96 -5.72
N SER A 315 -12.71 -26.52 -5.17
CA SER A 315 -13.67 -27.23 -6.01
C SER A 315 -14.37 -26.28 -6.99
N GLU A 316 -14.68 -25.07 -6.54
CA GLU A 316 -15.38 -24.12 -7.40
C GLU A 316 -14.46 -23.56 -8.47
N LEU A 317 -13.17 -23.46 -8.19
CA LEU A 317 -12.21 -23.00 -9.19
C LEU A 317 -12.04 -24.03 -10.29
N LEU A 318 -11.91 -25.31 -9.92
CA LEU A 318 -11.77 -26.36 -10.91
C LEU A 318 -13.03 -26.50 -11.77
N ASP A 319 -14.20 -26.22 -11.19
CA ASP A 319 -15.42 -26.20 -11.98
C ASP A 319 -15.38 -25.12 -13.06
N ARG A 320 -14.70 -24.01 -12.78
CA ARG A 320 -14.52 -22.94 -13.75
C ARG A 320 -13.32 -23.17 -14.67
N LYS A 321 -12.80 -24.41 -14.69
CA LYS A 321 -11.70 -24.83 -15.56
C LYS A 321 -10.38 -24.12 -15.25
N LEU A 322 -10.26 -23.51 -14.08
CA LEU A 322 -8.96 -23.01 -13.64
C LEU A 322 -8.08 -24.17 -13.23
N LYS A 323 -6.80 -24.10 -13.60
CA LYS A 323 -5.85 -25.17 -13.32
C LYS A 323 -5.00 -24.77 -12.12
N GLU A 324 -4.95 -25.65 -11.13
CA GLU A 324 -4.13 -25.40 -9.95
C GLU A 324 -2.67 -25.25 -10.35
N GLY A 325 -1.95 -24.43 -9.60
CA GLY A 325 -0.57 -24.12 -9.96
C GLY A 325 -0.42 -22.99 -10.96
N GLU A 326 -1.20 -23.01 -12.04
CA GLU A 326 -1.16 -21.94 -13.03
C GLU A 326 -2.03 -20.76 -12.60
N HIS A 327 -3.24 -21.05 -12.13
CA HIS A 327 -4.23 -20.00 -11.88
C HIS A 327 -4.64 -19.87 -10.42
N PHE A 328 -4.27 -20.80 -9.56
CA PHE A 328 -4.47 -20.61 -8.12
C PHE A 328 -3.51 -21.51 -7.35
N GLY A 329 -3.29 -21.13 -6.10
CA GLY A 329 -2.36 -21.85 -5.24
C GLY A 329 -2.31 -21.19 -3.89
N ILE A 330 -1.52 -21.80 -3.00
CA ILE A 330 -1.40 -21.35 -1.62
C ILE A 330 0.07 -21.10 -1.30
N SER A 331 0.31 -20.09 -0.46
CA SER A 331 1.66 -19.75 0.00
C SER A 331 2.58 -19.41 -1.17
N LEU A 332 2.15 -18.45 -1.99
CA LEU A 332 2.97 -17.99 -3.10
C LEU A 332 4.17 -17.22 -2.58
N LYS A 333 5.36 -17.58 -3.07
CA LYS A 333 6.61 -16.88 -2.69
C LYS A 333 7.39 -16.56 -3.95
N ALA A 334 7.98 -15.37 -4.00
CA ALA A 334 8.88 -14.96 -5.11
C ALA A 334 9.71 -13.76 -4.66
N GLN A 335 10.73 -13.41 -5.45
CA GLN A 335 11.60 -12.26 -5.13
C GLN A 335 11.83 -11.46 -6.41
N LYS A 336 12.26 -10.20 -6.26
CA LYS A 336 13.00 -9.53 -7.35
C LYS A 336 14.49 -9.88 -7.21
N LYS A 337 15.25 -9.71 -8.29
CA LYS A 337 16.67 -10.06 -8.32
C LYS A 337 17.41 -9.46 -7.14
N ASP A 338 18.05 -10.31 -6.34
CA ASP A 338 18.85 -9.91 -5.19
C ASP A 338 18.05 -9.07 -4.21
N SER A 339 16.81 -9.49 -3.95
CA SER A 339 15.89 -8.72 -3.12
C SER A 339 15.14 -9.67 -2.20
N PRO A 340 14.62 -9.17 -1.08
CA PRO A 340 13.87 -10.03 -0.15
C PRO A 340 12.65 -10.65 -0.83
N TYR A 341 12.25 -11.81 -0.32
CA TYR A 341 11.07 -12.49 -0.81
C TYR A 341 9.81 -11.92 -0.16
N PHE A 342 8.68 -12.18 -0.80
CA PHE A 342 7.37 -11.98 -0.20
C PHE A 342 6.67 -13.32 -0.10
N GLU A 343 5.64 -13.39 0.74
CA GLU A 343 4.73 -14.54 0.74
C GLU A 343 3.30 -14.04 0.72
N LEU A 344 2.49 -14.66 -0.14
CA LEU A 344 1.08 -14.35 -0.29
C LEU A 344 0.30 -15.61 0.04
N ASP A 345 -0.66 -15.51 0.97
CA ASP A 345 -1.35 -16.68 1.49
C ASP A 345 -2.04 -17.47 0.38
N ILE A 346 -2.82 -16.79 -0.45
CA ILE A 346 -3.54 -17.40 -1.56
C ILE A 346 -3.49 -16.46 -2.74
N PHE A 347 -3.22 -17.01 -3.93
CA PHE A 347 -3.36 -16.25 -5.16
C PHE A 347 -4.41 -16.90 -6.05
N LEU A 348 -5.07 -16.06 -6.85
CA LEU A 348 -6.10 -16.48 -7.77
C LEU A 348 -5.99 -15.60 -9.01
N ILE A 349 -6.26 -16.19 -10.17
CA ILE A 349 -6.22 -15.46 -11.43
C ILE A 349 -7.51 -15.73 -12.19
N ASN A 350 -8.32 -14.69 -12.37
CA ASN A 350 -9.54 -14.75 -13.17
C ASN A 350 -9.26 -14.04 -14.49
N GLY A 351 -9.13 -14.82 -15.57
CA GLY A 351 -8.73 -14.26 -16.84
C GLY A 351 -7.29 -13.78 -16.79
N TYR A 352 -7.09 -12.46 -16.67
CA TYR A 352 -5.76 -11.92 -16.45
C TYR A 352 -5.75 -10.89 -15.32
N GLN A 353 -6.75 -10.90 -14.44
CA GLN A 353 -6.70 -10.12 -13.21
C GLN A 353 -6.20 -11.03 -12.08
N LEU A 354 -5.14 -10.60 -11.42
CA LEU A 354 -4.64 -11.30 -10.24
C LEU A 354 -5.48 -10.93 -9.04
N ILE A 355 -5.87 -11.94 -8.26
CA ILE A 355 -6.54 -11.75 -6.98
C ILE A 355 -5.64 -12.30 -5.91
N GLY A 356 -5.08 -11.42 -5.09
CA GLY A 356 -4.26 -11.83 -3.96
C GLY A 356 -5.10 -11.79 -2.68
N ILE A 357 -5.05 -12.89 -1.94
CA ILE A 357 -5.89 -13.06 -0.75
C ILE A 357 -4.98 -13.20 0.46
N SER A 358 -5.06 -12.25 1.37
CA SER A 358 -4.33 -12.28 2.63
C SER A 358 -5.28 -12.76 3.73
N LEU A 359 -4.79 -13.66 4.57
CA LEU A 359 -5.62 -14.32 5.57
C LEU A 359 -5.08 -14.05 6.97
N THR A 360 -5.99 -13.83 7.92
CA THR A 360 -5.63 -13.76 9.33
C THR A 360 -6.87 -14.05 10.17
N THR A 361 -6.66 -14.72 11.29
CA THR A 361 -7.72 -14.96 12.26
C THR A 361 -7.87 -13.80 13.23
N SER A 362 -7.02 -12.79 13.14
CA SER A 362 -7.03 -11.69 14.09
C SER A 362 -8.34 -10.90 13.99
N SER A 363 -8.78 -10.41 15.15
CA SER A 363 -9.95 -9.54 15.23
C SER A 363 -9.57 -8.11 15.61
N THR A 364 -8.28 -7.80 15.74
CA THR A 364 -7.83 -6.48 16.13
C THR A 364 -7.72 -5.57 14.91
N ARG A 365 -8.17 -4.31 15.08
CA ARG A 365 -8.18 -3.37 13.97
C ARG A 365 -6.78 -3.11 13.43
N GLU A 366 -5.84 -2.77 14.32
CA GLU A 366 -4.54 -2.28 13.87
C GLU A 366 -3.77 -3.34 13.09
N LEU A 367 -3.78 -4.58 13.58
CA LEU A 367 -3.08 -5.65 12.87
C LEU A 367 -3.74 -5.93 11.52
N CYS A 368 -5.07 -5.99 11.49
CA CYS A 368 -5.76 -6.21 10.22
C CYS A 368 -5.54 -5.04 9.27
N LYS A 369 -5.43 -3.82 9.81
CA LYS A 369 -5.17 -2.66 8.96
C LYS A 369 -3.78 -2.75 8.34
N LEU A 370 -2.78 -3.13 9.14
CA LEU A 370 -1.43 -3.25 8.61
C LEU A 370 -1.35 -4.36 7.57
N LYS A 371 -2.10 -5.44 7.76
CA LYS A 371 -2.13 -6.49 6.76
C LYS A 371 -2.91 -6.06 5.52
N GLY A 372 -3.82 -5.09 5.68
CA GLY A 372 -4.52 -4.57 4.52
C GLY A 372 -3.59 -3.78 3.60
N PHE A 373 -2.78 -2.89 4.18
CA PHE A 373 -1.78 -2.18 3.40
C PHE A 373 -0.84 -3.14 2.68
N GLU A 374 -0.55 -4.28 3.30
CA GLU A 374 0.44 -5.20 2.76
C GLU A 374 -0.07 -5.89 1.50
N VAL A 375 -1.29 -6.44 1.55
CA VAL A 375 -1.82 -7.16 0.39
C VAL A 375 -2.10 -6.20 -0.75
N ILE A 376 -2.45 -4.95 -0.45
CA ILE A 376 -2.67 -3.96 -1.51
C ILE A 376 -1.39 -3.73 -2.29
N HIS A 377 -0.28 -3.52 -1.58
CA HIS A 377 0.99 -3.25 -2.24
C HIS A 377 1.51 -4.48 -2.98
N ARG A 378 1.37 -5.67 -2.37
CA ARG A 378 1.97 -6.86 -2.95
C ARG A 378 1.32 -7.23 -4.27
N VAL A 379 0.00 -7.15 -4.36
CA VAL A 379 -0.67 -7.47 -5.62
C VAL A 379 -0.35 -6.42 -6.68
N ARG A 380 -0.07 -5.18 -6.25
CA ARG A 380 0.36 -4.15 -7.18
C ARG A 380 1.73 -4.46 -7.75
N GLN A 381 2.65 -4.92 -6.89
CA GLN A 381 4.02 -5.20 -7.33
C GLN A 381 4.06 -6.36 -8.31
N ILE A 382 3.32 -7.44 -8.04
CA ILE A 382 3.45 -8.66 -8.82
C ILE A 382 2.41 -8.79 -9.92
N GLY A 383 1.32 -8.02 -9.86
CA GLY A 383 0.28 -8.15 -10.86
C GLY A 383 -0.08 -6.87 -11.57
N GLY A 384 0.50 -5.75 -11.15
CA GLY A 384 0.23 -4.48 -11.78
C GLY A 384 -0.84 -3.68 -11.06
N ASP A 385 -1.17 -2.52 -11.65
CA ASP A 385 -2.02 -1.53 -11.01
C ASP A 385 -3.50 -1.91 -11.02
N GLU A 386 -3.90 -3.00 -11.67
CA GLU A 386 -5.29 -3.38 -11.75
C GLU A 386 -5.60 -4.69 -11.02
N SER A 387 -4.67 -5.19 -10.22
CA SER A 387 -4.92 -6.40 -9.45
C SER A 387 -5.91 -6.11 -8.32
N LYS A 388 -6.52 -7.19 -7.82
CA LYS A 388 -7.48 -7.11 -6.72
C LYS A 388 -6.87 -7.72 -5.47
N ALA A 389 -7.10 -7.07 -4.33
CA ALA A 389 -6.57 -7.52 -3.05
C ALA A 389 -7.73 -7.83 -2.11
N ILE A 390 -7.76 -9.05 -1.58
CA ILE A 390 -8.78 -9.47 -0.63
C ILE A 390 -8.10 -9.78 0.70
N LEU A 391 -8.62 -9.19 1.77
CA LEU A 391 -8.14 -9.44 3.13
C LEU A 391 -9.26 -10.10 3.91
N ILE A 392 -9.04 -11.34 4.34
CA ILE A 392 -10.00 -12.06 5.17
C ILE A 392 -9.52 -12.03 6.61
N THR A 393 -10.34 -11.48 7.49
CA THR A 393 -10.00 -11.26 8.88
C THR A 393 -10.96 -12.02 9.78
N GLY A 394 -10.79 -11.84 11.09
CA GLY A 394 -11.72 -12.35 12.07
C GLY A 394 -12.45 -11.24 12.78
N MET A 395 -12.55 -10.08 12.13
CA MET A 395 -13.24 -8.92 12.70
C MET A 395 -14.74 -9.01 12.43
N ASP A 396 -15.51 -8.29 13.26
CA ASP A 396 -16.94 -8.19 13.04
C ASP A 396 -17.23 -7.42 11.77
N LYS A 397 -18.50 -7.35 11.40
CA LYS A 397 -18.87 -6.71 10.15
C LYS A 397 -18.60 -5.21 10.18
N SER A 398 -18.74 -4.57 11.34
CA SER A 398 -18.52 -3.14 11.43
C SER A 398 -17.06 -2.78 11.18
N LYS A 399 -16.14 -3.53 11.79
CA LYS A 399 -14.71 -3.29 11.56
C LYS A 399 -14.33 -3.63 10.13
N THR A 400 -14.98 -4.64 9.55
CA THR A 400 -14.68 -5.03 8.17
C THR A 400 -15.06 -3.91 7.20
N GLU A 401 -16.26 -3.34 7.37
CA GLU A 401 -16.69 -2.26 6.49
C GLU A 401 -15.84 -1.01 6.70
N ASP A 402 -15.44 -0.74 7.95
CA ASP A 402 -14.58 0.41 8.22
C ASP A 402 -13.25 0.28 7.50
N LEU A 403 -12.65 -0.92 7.53
CA LEU A 403 -11.32 -1.09 6.96
C LEU A 403 -11.32 -0.95 5.45
N GLN A 404 -12.40 -1.41 4.81
CA GLN A 404 -12.55 -1.23 3.34
C GLN A 404 -12.50 0.27 3.02
N LYS A 405 -13.33 1.08 3.69
CA LYS A 405 -13.40 2.50 3.42
C LYS A 405 -12.10 3.21 3.81
N ASP A 406 -11.45 2.73 4.87
CA ASP A 406 -10.20 3.34 5.31
C ASP A 406 -9.12 3.23 4.23
N LEU A 407 -9.01 2.06 3.60
CA LEU A 407 -7.91 1.79 2.67
C LEU A 407 -8.31 1.94 1.21
N ALA A 408 -9.56 2.25 0.91
CA ALA A 408 -9.99 2.39 -0.47
C ALA A 408 -9.23 3.52 -1.16
N TYR A 409 -8.82 3.29 -2.40
CA TYR A 409 -8.11 4.27 -3.19
C TYR A 409 -8.79 4.38 -4.55
N GLU A 410 -8.97 5.61 -5.02
CA GLU A 410 -9.73 5.85 -6.25
C GLU A 410 -8.82 5.69 -7.46
N THR A 411 -9.20 4.79 -8.37
CA THR A 411 -8.49 4.59 -9.62
C THR A 411 -9.39 4.78 -10.85
N GLY A 412 -10.68 5.03 -10.66
CA GLY A 412 -11.59 5.24 -11.76
C GLY A 412 -12.62 4.17 -11.97
N SER A 413 -12.56 3.06 -11.24
CA SER A 413 -13.51 1.97 -11.37
C SER A 413 -14.56 2.04 -10.26
N THR A 414 -15.72 1.44 -10.53
CA THR A 414 -16.75 1.31 -9.51
C THR A 414 -16.62 0.02 -8.72
N GLN A 415 -15.89 -0.98 -9.26
CA GLN A 415 -15.60 -2.19 -8.50
C GLN A 415 -14.45 -1.93 -7.54
N LYS A 416 -14.67 -2.26 -6.27
CA LYS A 416 -13.60 -2.18 -5.29
C LYS A 416 -12.52 -3.20 -5.59
N ARG A 417 -11.26 -2.77 -5.54
CA ARG A 417 -10.13 -3.66 -5.70
C ARG A 417 -9.43 -3.95 -4.39
N PHE A 418 -9.95 -3.44 -3.28
CA PHE A 418 -9.56 -3.88 -1.94
C PHE A 418 -10.83 -4.30 -1.21
N VAL A 419 -10.93 -5.59 -0.90
CA VAL A 419 -12.10 -6.18 -0.28
C VAL A 419 -11.70 -6.81 1.04
N VAL A 420 -12.51 -6.60 2.06
CA VAL A 420 -12.27 -7.16 3.39
C VAL A 420 -13.44 -8.07 3.75
N PHE A 421 -13.12 -9.28 4.20
CA PHE A 421 -14.10 -10.19 4.77
C PHE A 421 -13.82 -10.36 6.25
N GLY A 422 -14.87 -10.66 7.01
CA GLY A 422 -14.76 -10.78 8.45
C GLY A 422 -15.21 -12.12 8.99
N ILE A 423 -15.34 -12.20 10.32
CA ILE A 423 -15.63 -13.47 10.98
C ILE A 423 -16.93 -14.06 10.48
N ASP A 424 -17.93 -13.22 10.21
CA ASP A 424 -19.24 -13.69 9.79
C ASP A 424 -19.26 -14.22 8.36
N ASP A 425 -18.15 -14.10 7.63
CA ASP A 425 -18.03 -14.61 6.28
C ASP A 425 -17.36 -15.97 6.21
N TRP A 426 -16.89 -16.51 7.34
CA TRP A 426 -16.04 -17.70 7.30
C TRP A 426 -16.82 -18.93 6.88
N ALA A 427 -18.05 -19.10 7.38
CA ALA A 427 -18.82 -20.30 7.09
C ALA A 427 -19.15 -20.42 5.61
N ASP A 428 -19.33 -19.30 4.92
CA ASP A 428 -19.64 -19.29 3.49
C ASP A 428 -18.55 -18.55 2.71
N ILE A 429 -17.30 -18.73 3.13
CA ILE A 429 -16.20 -17.98 2.52
C ILE A 429 -15.96 -18.42 1.08
N GLY A 430 -16.31 -19.68 0.76
CA GLY A 430 -16.13 -20.14 -0.61
C GLY A 430 -17.00 -19.39 -1.59
N SER A 431 -18.26 -19.17 -1.24
CA SER A 431 -19.16 -18.41 -2.10
C SER A 431 -18.89 -16.92 -2.02
N LYS A 432 -18.46 -16.41 -0.86
CA LYS A 432 -18.16 -14.98 -0.75
C LYS A 432 -16.99 -14.60 -1.65
N ILE A 433 -15.94 -15.43 -1.68
CA ILE A 433 -14.82 -15.17 -2.58
C ILE A 433 -15.25 -15.35 -4.03
N CYS A 434 -15.95 -16.45 -4.31
CA CYS A 434 -16.38 -16.73 -5.67
C CYS A 434 -17.28 -15.63 -6.21
N GLU A 435 -18.11 -15.04 -5.35
CA GLU A 435 -18.99 -13.96 -5.80
C GLU A 435 -18.21 -12.67 -6.00
N GLU A 436 -17.23 -12.40 -5.14
CA GLU A 436 -16.46 -11.17 -5.27
C GLU A 436 -15.55 -11.21 -6.50
N VAL A 437 -14.99 -12.37 -6.81
CA VAL A 437 -13.97 -12.49 -7.85
C VAL A 437 -14.59 -12.63 -9.23
N PHE A 438 -15.52 -13.56 -9.41
CA PHE A 438 -16.01 -13.92 -10.72
C PHE A 438 -17.31 -13.23 -11.12
N LYS A 439 -17.86 -12.37 -10.27
CA LYS A 439 -19.10 -11.67 -10.60
C LYS A 439 -18.88 -10.16 -10.63
N MET B 3 -12.84 40.85 -26.16
CA MET B 3 -13.93 40.01 -26.64
C MET B 3 -13.40 38.68 -27.16
N ASN B 4 -12.11 38.65 -27.49
CA ASN B 4 -11.47 37.42 -27.95
C ASN B 4 -11.29 36.48 -26.78
N GLU B 5 -11.99 35.34 -26.80
CA GLU B 5 -12.02 34.42 -25.68
C GLU B 5 -10.92 33.37 -25.84
N LYS B 6 -10.17 33.14 -24.77
CA LYS B 6 -9.16 32.09 -24.71
C LYS B 6 -9.60 31.05 -23.69
N VAL B 7 -9.58 29.78 -24.09
CA VAL B 7 -10.09 28.71 -23.26
C VAL B 7 -8.96 27.73 -22.97
N LEU B 8 -8.82 27.36 -21.70
CA LEU B 8 -7.92 26.30 -21.26
C LEU B 8 -8.74 25.05 -20.99
N VAL B 9 -8.28 23.91 -21.51
CA VAL B 9 -8.98 22.64 -21.35
C VAL B 9 -8.12 21.71 -20.51
N LEU B 10 -8.72 21.14 -19.47
CA LEU B 10 -8.07 20.15 -18.62
C LEU B 10 -8.85 18.85 -18.67
N ILE B 11 -8.14 17.74 -18.50
CA ILE B 11 -8.73 16.41 -18.49
C ILE B 11 -8.68 15.90 -17.06
N VAL B 12 -9.85 15.65 -16.48
CA VAL B 12 -9.97 15.34 -15.06
C VAL B 12 -9.90 13.83 -14.90
N GLY B 13 -8.71 13.32 -14.61
CA GLY B 13 -8.53 11.95 -14.17
C GLY B 13 -8.75 11.83 -12.68
N THR B 14 -8.15 10.80 -12.10
CA THR B 14 -8.24 10.57 -10.67
C THR B 14 -7.07 11.15 -9.89
N ASN B 15 -6.16 11.84 -10.56
CA ASN B 15 -5.08 12.57 -9.91
C ASN B 15 -5.33 14.07 -10.08
N PRO B 16 -5.98 14.72 -9.12
CA PRO B 16 -6.30 16.15 -9.30
C PRO B 16 -5.08 17.06 -9.23
N LEU B 17 -4.00 16.62 -8.58
CA LEU B 17 -2.86 17.50 -8.33
C LEU B 17 -2.26 18.08 -9.60
N PRO B 18 -1.93 17.30 -10.64
CA PRO B 18 -1.38 17.92 -11.85
C PRO B 18 -2.30 18.93 -12.50
N ASN B 19 -3.62 18.72 -12.43
CA ASN B 19 -4.54 19.72 -12.96
C ASN B 19 -4.58 20.97 -12.10
N TYR B 20 -4.39 20.82 -10.78
CA TYR B 20 -4.27 21.99 -9.92
C TYR B 20 -3.02 22.79 -10.28
N VAL B 21 -1.90 22.10 -10.48
CA VAL B 21 -0.64 22.79 -10.75
C VAL B 21 -0.72 23.54 -12.07
N VAL B 22 -1.13 22.86 -13.14
CA VAL B 22 -1.25 23.51 -14.44
C VAL B 22 -2.28 24.63 -14.37
N GLY B 23 -3.37 24.41 -13.64
CA GLY B 23 -4.37 25.47 -13.48
C GLY B 23 -3.82 26.68 -12.76
N SER B 24 -3.07 26.46 -11.68
CA SER B 24 -2.52 27.58 -10.92
C SER B 24 -1.57 28.41 -11.77
N HIS B 25 -0.80 27.77 -12.64
CA HIS B 25 0.21 28.49 -13.42
C HIS B 25 -0.42 29.27 -14.57
N LEU B 26 -1.45 28.72 -15.21
CA LEU B 26 -2.01 29.27 -16.43
C LEU B 26 -3.33 30.00 -16.25
N LYS B 27 -3.89 30.01 -15.05
CA LYS B 27 -5.25 30.52 -14.85
C LYS B 27 -5.38 31.99 -15.26
N GLU B 28 -4.34 32.79 -14.99
CA GLU B 28 -4.43 34.22 -15.24
C GLU B 28 -4.44 34.57 -16.72
N LYS B 29 -4.06 33.64 -17.59
CA LYS B 29 -3.94 33.91 -19.01
C LYS B 29 -5.13 33.42 -19.83
N TYR B 30 -6.20 32.97 -19.19
CA TYR B 30 -7.31 32.37 -19.90
C TYR B 30 -8.65 32.89 -19.39
N ASP B 31 -9.60 33.00 -20.31
CA ASP B 31 -10.93 33.53 -20.01
C ASP B 31 -11.93 32.46 -19.62
N LYS B 32 -11.79 31.25 -20.16
CA LYS B 32 -12.72 30.16 -19.87
C LYS B 32 -11.94 28.88 -19.65
N PHE B 33 -12.56 27.97 -18.91
CA PHE B 33 -11.94 26.71 -18.52
C PHE B 33 -12.95 25.59 -18.72
N VAL B 34 -12.57 24.57 -19.49
CA VAL B 34 -13.40 23.42 -19.75
C VAL B 34 -12.78 22.23 -19.03
N LEU B 35 -13.49 21.70 -18.04
CA LEU B 35 -13.02 20.56 -17.26
C LEU B 35 -13.74 19.32 -17.77
N ILE B 36 -13.00 18.46 -18.46
CA ILE B 36 -13.56 17.26 -19.08
C ILE B 36 -13.45 16.12 -18.09
N TYR B 37 -14.59 15.65 -17.59
CA TYR B 37 -14.63 14.64 -16.54
C TYR B 37 -15.51 13.48 -16.97
N SER B 38 -15.38 12.37 -16.24
CA SER B 38 -16.09 11.15 -16.55
C SER B 38 -17.42 11.07 -15.82
N GLU B 39 -18.42 10.50 -16.48
CA GLU B 39 -19.67 10.17 -15.82
C GLU B 39 -19.55 8.86 -15.08
N LYS B 40 -20.49 8.62 -14.16
CA LYS B 40 -20.53 7.40 -13.38
C LYS B 40 -21.46 6.42 -14.08
N ASN B 41 -20.92 5.26 -14.47
CA ASN B 41 -21.71 4.18 -15.08
C ASN B 41 -21.22 2.87 -14.50
N ASP B 42 -21.98 2.33 -13.54
CA ASP B 42 -21.60 1.09 -12.88
C ASP B 42 -21.54 -0.08 -13.85
N LYS B 43 -22.32 -0.02 -14.93
CA LYS B 43 -22.42 -1.15 -15.85
C LYS B 43 -21.14 -1.38 -16.65
N ILE B 44 -20.33 -0.35 -16.85
CA ILE B 44 -19.02 -0.50 -17.48
C ILE B 44 -17.89 -0.32 -16.47
N ASN B 45 -18.21 -0.37 -15.17
CA ASN B 45 -17.22 -0.27 -14.10
C ASN B 45 -16.46 1.06 -14.17
N GLN B 46 -17.19 2.14 -14.44
CA GLN B 46 -16.60 3.46 -14.63
C GLN B 46 -17.15 4.39 -13.56
N ASN B 47 -16.26 4.84 -12.67
CA ASN B 47 -16.62 5.83 -11.67
C ASN B 47 -16.42 7.23 -12.24
N SER B 48 -17.06 8.21 -11.59
CA SER B 48 -16.99 9.59 -12.04
C SER B 48 -15.86 10.33 -11.34
N THR B 49 -15.20 11.21 -12.10
CA THR B 49 -14.23 12.15 -11.53
C THR B 49 -14.84 13.53 -11.34
N TYR B 50 -16.17 13.62 -11.25
CA TYR B 50 -16.83 14.90 -11.07
C TYR B 50 -16.42 15.55 -9.75
N ASP B 51 -16.21 14.75 -8.72
CA ASP B 51 -15.80 15.29 -7.42
C ASP B 51 -14.45 15.99 -7.52
N TYR B 52 -13.51 15.42 -8.28
CA TYR B 52 -12.24 16.10 -8.49
C TYR B 52 -12.42 17.36 -9.32
N ALA B 53 -13.31 17.32 -10.32
CA ALA B 53 -13.56 18.51 -11.13
C ALA B 53 -14.13 19.64 -10.29
N LYS B 54 -15.07 19.33 -9.39
CA LYS B 54 -15.60 20.35 -8.49
C LYS B 54 -14.51 20.94 -7.61
N LYS B 55 -13.65 20.08 -7.05
CA LYS B 55 -12.56 20.57 -6.22
C LYS B 55 -11.62 21.47 -7.00
N LEU B 56 -11.33 21.11 -8.25
CA LEU B 56 -10.47 21.94 -9.09
C LEU B 56 -11.10 23.32 -9.31
N LYS B 57 -12.42 23.36 -9.53
CA LYS B 57 -13.09 24.65 -9.68
C LYS B 57 -13.04 25.44 -8.38
N GLU B 58 -13.21 24.77 -7.24
CA GLU B 58 -13.24 25.47 -5.95
C GLU B 58 -11.89 26.06 -5.60
N HIS B 59 -10.85 25.24 -5.58
CA HIS B 59 -9.54 25.69 -5.12
C HIS B 59 -8.76 26.45 -6.18
N LEU B 60 -9.29 26.58 -7.40
CA LEU B 60 -8.74 27.48 -8.40
C LEU B 60 -9.58 28.73 -8.59
N ASN B 61 -10.74 28.82 -7.92
CA ASN B 61 -11.61 29.99 -8.01
C ASN B 61 -12.02 30.28 -9.45
N LEU B 62 -12.49 29.24 -10.14
CA LEU B 62 -12.84 29.39 -11.55
C LEU B 62 -14.19 30.09 -11.71
N ASN B 63 -15.14 29.80 -10.82
CA ASN B 63 -16.44 30.48 -10.76
C ASN B 63 -17.17 30.29 -12.08
N ASP B 64 -17.74 31.34 -12.67
CA ASP B 64 -18.53 31.23 -13.90
C ASP B 64 -17.70 30.95 -15.14
N LYS B 65 -16.38 31.09 -15.07
CA LYS B 65 -15.54 30.80 -16.22
C LYS B 65 -15.36 29.31 -16.46
N CYS B 66 -15.85 28.46 -15.55
CA CYS B 66 -15.66 27.02 -15.65
C CYS B 66 -16.87 26.37 -16.33
N ILE B 67 -16.59 25.52 -17.31
CA ILE B 67 -17.60 24.69 -17.97
C ILE B 67 -17.26 23.24 -17.71
N PHE B 68 -18.23 22.49 -17.17
CA PHE B 68 -18.06 21.05 -16.94
C PHE B 68 -18.55 20.27 -18.15
N LEU B 69 -17.70 19.41 -18.68
CA LEU B 69 -18.03 18.59 -19.85
C LEU B 69 -17.97 17.11 -19.47
N PRO B 70 -19.12 16.44 -19.31
CA PRO B 70 -19.08 15.01 -18.95
C PRO B 70 -18.94 14.11 -20.16
N LEU B 71 -18.12 13.07 -20.01
CA LEU B 71 -17.95 12.03 -21.02
C LEU B 71 -18.58 10.75 -20.54
N SER B 72 -19.46 10.16 -21.36
CA SER B 72 -20.23 9.00 -20.93
C SER B 72 -19.34 7.77 -20.79
N ASP B 73 -18.36 7.60 -21.69
CA ASP B 73 -17.48 6.44 -21.68
C ASP B 73 -16.07 6.92 -22.01
N VAL B 74 -15.18 6.87 -21.01
CA VAL B 74 -13.83 7.39 -21.16
C VAL B 74 -12.90 6.30 -21.68
N SER B 75 -13.47 5.16 -22.07
CA SER B 75 -12.70 4.08 -22.67
C SER B 75 -12.97 3.91 -24.16
N ASN B 76 -14.02 4.53 -24.69
CA ASN B 76 -14.47 4.29 -26.05
C ASN B 76 -14.27 5.56 -26.88
N SER B 77 -13.46 5.46 -27.92
CA SER B 77 -13.17 6.63 -28.75
C SER B 77 -14.41 7.18 -29.41
N GLU B 78 -15.24 6.30 -29.97
CA GLU B 78 -16.44 6.75 -30.70
C GLU B 78 -17.36 7.56 -29.80
N LYS B 79 -17.52 7.14 -28.55
CA LYS B 79 -18.41 7.84 -27.63
C LYS B 79 -17.77 9.10 -27.06
N ILE B 80 -16.44 9.10 -26.90
CA ILE B 80 -15.75 10.33 -26.50
C ILE B 80 -15.96 11.41 -27.55
N ILE B 81 -15.71 11.07 -28.82
CA ILE B 81 -15.85 12.04 -29.90
C ILE B 81 -17.28 12.53 -30.01
N ASN B 82 -18.25 11.62 -29.90
CA ASN B 82 -19.65 12.02 -29.97
C ASN B 82 -20.02 12.98 -28.86
N ASP B 83 -19.63 12.65 -27.61
CA ASP B 83 -19.92 13.53 -26.49
C ASP B 83 -19.22 14.87 -26.64
N LEU B 84 -18.04 14.90 -27.28
CA LEU B 84 -17.34 16.16 -27.47
C LEU B 84 -18.05 17.05 -28.48
N ARG B 85 -18.47 16.48 -29.61
CA ARG B 85 -19.22 17.25 -30.59
C ARG B 85 -20.51 17.78 -30.00
N GLU B 86 -21.14 17.01 -29.11
CA GLU B 86 -22.44 17.41 -28.57
C GLU B 86 -22.29 18.48 -27.50
N LYS B 87 -21.24 18.40 -26.68
CA LYS B 87 -21.16 19.16 -25.45
C LYS B 87 -20.03 20.17 -25.36
N PHE B 88 -19.04 20.12 -26.24
CA PHE B 88 -17.95 21.09 -26.15
C PHE B 88 -18.47 22.48 -26.50
N PRO B 89 -18.06 23.51 -25.76
CA PRO B 89 -18.60 24.85 -25.99
C PRO B 89 -18.37 25.33 -27.42
N SER B 90 -19.46 25.73 -28.08
CA SER B 90 -19.41 26.23 -29.45
C SER B 90 -19.37 27.75 -29.39
N GLU B 91 -18.17 28.29 -29.20
CA GLU B 91 -18.03 29.77 -29.08
C GLU B 91 -16.82 30.23 -29.90
N ASP B 92 -16.73 31.54 -30.17
CA ASP B 92 -15.59 32.08 -30.94
C ASP B 92 -14.37 32.16 -30.02
N PHE B 93 -13.50 31.16 -30.09
CA PHE B 93 -12.28 31.15 -29.25
C PHE B 93 -11.08 31.57 -30.10
N VAL B 94 -10.26 32.49 -29.60
CA VAL B 94 -9.06 32.89 -30.32
C VAL B 94 -7.87 32.01 -29.98
N GLU B 95 -7.93 31.27 -28.86
CA GLU B 95 -6.89 30.32 -28.52
C GLU B 95 -7.50 29.19 -27.71
N VAL B 96 -7.21 27.95 -28.09
CA VAL B 96 -7.66 26.76 -27.38
C VAL B 96 -6.43 26.02 -26.91
N HIS B 97 -6.25 25.94 -25.59
CA HIS B 97 -5.10 25.29 -24.97
C HIS B 97 -5.58 24.05 -24.23
N LEU B 98 -5.17 22.89 -24.72
CA LEU B 98 -5.47 21.62 -24.05
C LEU B 98 -4.22 21.15 -23.32
N ASN B 99 -4.32 21.01 -22.00
CA ASN B 99 -3.33 20.29 -21.21
C ASN B 99 -3.85 18.87 -21.05
N TYR B 100 -3.19 17.92 -21.73
CA TYR B 100 -3.65 16.54 -21.80
C TYR B 100 -2.94 15.64 -20.80
N THR B 101 -2.69 16.15 -19.60
CA THR B 101 -1.93 15.39 -18.63
C THR B 101 -2.76 14.28 -17.98
N GLY B 102 -4.04 14.56 -17.69
CA GLY B 102 -4.87 13.63 -16.96
C GLY B 102 -5.77 12.79 -17.85
N GLY B 103 -6.50 11.87 -17.20
CA GLY B 103 -7.47 11.04 -17.88
C GLY B 103 -6.85 9.79 -18.49
N THR B 104 -7.71 9.02 -19.16
CA THR B 104 -7.27 7.80 -19.83
C THR B 104 -6.51 8.15 -21.12
N LYS B 105 -5.88 7.12 -21.70
CA LYS B 105 -5.16 7.32 -22.95
C LYS B 105 -6.10 7.75 -24.06
N THR B 106 -7.25 7.07 -24.18
CA THR B 106 -8.18 7.36 -25.27
C THR B 106 -8.87 8.71 -25.07
N MET B 107 -9.04 9.13 -23.81
CA MET B 107 -9.44 10.52 -23.57
C MET B 107 -8.43 11.47 -24.16
N VAL B 108 -7.14 11.18 -23.97
CA VAL B 108 -6.11 12.13 -24.35
C VAL B 108 -6.02 12.26 -25.87
N VAL B 109 -5.91 11.14 -26.57
CA VAL B 109 -5.72 11.20 -28.02
C VAL B 109 -6.93 11.81 -28.70
N HIS B 110 -8.13 11.50 -28.22
CA HIS B 110 -9.34 11.89 -28.94
C HIS B 110 -9.90 13.24 -28.49
N ILE B 111 -9.55 13.70 -27.29
CA ILE B 111 -9.77 15.12 -26.99
C ILE B 111 -8.77 15.97 -27.75
N TYR B 112 -7.53 15.49 -27.85
CA TYR B 112 -6.49 16.23 -28.57
C TYR B 112 -6.85 16.41 -30.03
N ASN B 113 -7.17 15.32 -30.72
CA ASN B 113 -7.40 15.40 -32.17
C ASN B 113 -8.75 16.04 -32.49
N PHE B 114 -9.74 15.89 -31.62
CA PHE B 114 -11.01 16.58 -31.83
C PHE B 114 -10.81 18.09 -31.79
N LEU B 115 -10.07 18.58 -30.79
CA LEU B 115 -9.87 20.02 -30.64
C LEU B 115 -8.96 20.57 -31.72
N LYS B 116 -7.90 19.84 -32.09
CA LYS B 116 -7.03 20.31 -33.15
C LYS B 116 -7.77 20.40 -34.48
N GLU B 117 -8.81 19.58 -34.65
CA GLU B 117 -9.60 19.62 -35.88
C GLU B 117 -10.65 20.72 -35.83
N LYS B 118 -11.38 20.83 -34.71
CA LYS B 118 -12.44 21.81 -34.60
C LYS B 118 -11.92 23.24 -34.63
N PHE B 119 -10.64 23.44 -34.29
CA PHE B 119 -10.04 24.77 -34.23
C PHE B 119 -8.83 24.85 -35.15
N LYS B 120 -8.93 24.25 -36.34
CA LYS B 120 -7.85 24.27 -37.30
C LYS B 120 -7.67 25.64 -37.94
N ASN B 121 -8.72 26.47 -37.94
CA ASN B 121 -8.64 27.82 -38.48
C ASN B 121 -7.50 28.60 -37.83
N ASN B 122 -6.66 29.21 -38.67
CA ASN B 122 -5.48 29.91 -38.18
C ASN B 122 -5.82 31.08 -37.28
N LYS B 123 -7.06 31.60 -37.36
CA LYS B 123 -7.50 32.59 -36.38
C LYS B 123 -7.45 32.03 -34.98
N ILE B 124 -7.62 30.72 -34.84
CA ILE B 124 -7.62 30.05 -33.53
C ILE B 124 -6.29 29.33 -33.37
N LYS B 125 -5.55 29.70 -32.32
CA LYS B 125 -4.31 29.04 -32.00
C LYS B 125 -4.58 27.83 -31.11
N PHE B 126 -4.06 26.66 -31.52
CA PHE B 126 -4.17 25.46 -30.71
C PHE B 126 -2.83 25.18 -30.06
N GLU B 127 -2.86 24.93 -28.75
CA GLU B 127 -1.66 24.64 -27.98
C GLU B 127 -1.91 23.42 -27.10
N GLY B 128 -0.93 22.52 -27.09
CA GLY B 128 -0.98 21.34 -26.23
C GLY B 128 0.16 21.35 -25.24
N SER B 129 -0.14 21.04 -23.98
CA SER B 129 0.88 21.00 -22.95
C SER B 129 0.70 19.76 -22.10
N TYR B 130 1.76 19.43 -21.35
CA TYR B 130 1.81 18.23 -20.54
C TYR B 130 2.71 18.49 -19.35
N LEU B 131 2.23 18.18 -18.15
CA LEU B 131 3.01 18.35 -16.93
C LEU B 131 3.83 17.10 -16.67
N ASP B 132 5.13 17.19 -16.90
CA ASP B 132 6.03 16.06 -16.65
C ASP B 132 6.21 15.87 -15.15
N ALA B 133 5.76 14.72 -14.64
CA ALA B 133 5.86 14.45 -13.21
C ALA B 133 7.28 14.14 -12.77
N ARG B 134 8.16 13.78 -13.70
CA ARG B 134 9.50 13.35 -13.33
C ARG B 134 10.47 14.53 -13.15
N ASP B 135 10.38 15.54 -14.00
CA ASP B 135 11.25 16.70 -13.89
C ASP B 135 10.49 17.98 -13.54
N TYR B 136 9.22 17.87 -13.17
CA TYR B 136 8.42 19.00 -12.68
C TYR B 136 8.39 20.15 -13.68
N LYS B 137 8.13 19.83 -14.95
CA LYS B 137 8.17 20.81 -16.02
C LYS B 137 6.89 20.75 -16.84
N LEU B 138 6.33 21.93 -17.13
CA LEU B 138 5.25 22.04 -18.10
C LEU B 138 5.85 22.11 -19.50
N VAL B 139 5.54 21.12 -20.34
CA VAL B 139 6.14 20.97 -21.66
C VAL B 139 5.06 21.29 -22.70
N TYR B 140 5.38 22.19 -23.62
CA TYR B 140 4.47 22.57 -24.69
C TYR B 140 4.76 21.76 -25.94
N ASP B 141 3.70 21.43 -26.67
CA ASP B 141 3.82 20.62 -27.88
C ASP B 141 4.52 21.42 -28.98
N TYR B 142 5.48 20.78 -29.65
CA TYR B 142 6.19 21.37 -30.78
C TYR B 142 6.83 22.70 -30.40
N SER B 143 7.29 22.78 -29.15
CA SER B 143 7.96 24.01 -28.65
C SER B 143 9.00 23.58 -27.60
N GLU B 144 10.25 24.03 -27.76
CA GLU B 144 11.33 23.62 -26.84
C GLU B 144 11.09 24.27 -25.46
N GLU B 145 10.02 25.06 -25.35
CA GLU B 145 9.69 25.75 -24.07
C GLU B 145 9.58 24.72 -22.94
N ALA B 146 10.36 24.92 -21.88
CA ALA B 146 10.36 23.96 -20.75
C ALA B 146 10.18 24.76 -19.45
N ILE B 147 8.94 24.98 -19.03
CA ILE B 147 8.69 25.83 -17.82
C ILE B 147 8.70 24.95 -16.57
N SER B 148 9.78 24.97 -15.80
CA SER B 148 9.81 24.22 -14.54
C SER B 148 8.84 24.87 -13.55
N LEU B 149 7.89 24.09 -13.05
CA LEU B 149 6.94 24.54 -12.04
C LEU B 149 7.27 24.01 -10.66
N LYS B 150 8.45 23.41 -10.50
CA LYS B 150 8.81 22.77 -9.23
C LYS B 150 8.80 23.77 -8.08
N ASP B 151 9.43 24.93 -8.28
CA ASP B 151 9.57 25.91 -7.20
C ASP B 151 8.63 27.11 -7.34
N THR B 152 7.87 27.20 -8.43
CA THR B 152 7.01 28.37 -8.63
C THR B 152 5.59 28.16 -8.12
N ILE B 153 5.05 26.95 -8.29
CA ILE B 153 3.70 26.63 -7.83
C ILE B 153 3.80 26.01 -6.45
N LYS B 154 3.03 26.53 -5.51
CA LYS B 154 2.99 26.01 -4.15
C LYS B 154 1.57 25.65 -3.76
N ILE B 155 1.45 24.76 -2.79
CA ILE B 155 0.17 24.28 -2.29
C ILE B 155 0.33 23.98 -0.82
N ASP B 156 -0.71 24.27 -0.03
CA ASP B 156 -0.68 23.97 1.39
C ASP B 156 -1.35 22.62 1.65
N ILE B 157 -1.20 22.14 2.89
CA ILE B 157 -1.70 20.82 3.25
C ILE B 157 -3.22 20.76 3.15
N ASN B 158 -3.89 21.89 3.38
CA ASN B 158 -5.34 21.90 3.36
C ASN B 158 -5.88 21.77 1.94
N THR B 159 -5.31 22.54 1.00
CA THR B 159 -5.71 22.42 -0.39
C THR B 159 -5.38 21.03 -0.93
N LEU B 160 -4.17 20.54 -0.63
CA LEU B 160 -3.73 19.26 -1.17
C LEU B 160 -4.67 18.13 -0.75
N LEU B 161 -5.05 18.10 0.52
CA LEU B 161 -5.95 17.05 0.98
C LEU B 161 -7.36 17.29 0.47
N SER B 162 -7.76 18.56 0.34
CA SER B 162 -9.11 18.87 -0.11
C SER B 162 -9.34 18.42 -1.55
N ILE B 163 -8.38 18.67 -2.44
CA ILE B 163 -8.57 18.25 -3.84
C ILE B 163 -8.58 16.73 -3.94
N HIS B 164 -7.89 16.04 -3.03
CA HIS B 164 -7.96 14.59 -2.97
C HIS B 164 -9.12 14.09 -2.10
N LEU B 165 -10.11 14.95 -1.85
CA LEU B 165 -11.40 14.63 -1.25
C LEU B 165 -11.32 14.32 0.24
N TYR B 166 -10.33 14.86 0.94
CA TYR B 166 -10.20 14.68 2.38
C TYR B 166 -10.61 15.96 3.12
N GLU B 167 -11.23 15.79 4.28
CA GLU B 167 -11.78 16.91 5.03
C GLU B 167 -11.46 16.74 6.50
N ASP B 168 -11.82 17.74 7.29
CA ASP B 168 -11.55 17.78 8.73
C ASP B 168 -10.06 17.57 9.01
N ILE B 169 -9.26 18.48 8.46
CA ILE B 169 -7.80 18.40 8.53
C ILE B 169 -7.33 19.04 9.82
N HIS B 170 -6.64 18.25 10.66
CA HIS B 170 -6.10 18.75 11.92
C HIS B 170 -4.66 18.28 12.06
N PHE B 171 -3.86 19.11 12.72
CA PHE B 171 -2.44 18.85 12.93
C PHE B 171 -1.96 19.77 14.05
N GLU B 172 -0.74 19.52 14.51
CA GLU B 172 -0.17 20.27 15.61
C GLU B 172 1.06 21.05 15.16
N PHE B 173 1.34 22.13 15.87
CA PHE B 173 2.50 22.97 15.63
C PHE B 173 3.58 22.66 16.66
N TYR B 174 4.77 23.23 16.42
CA TYR B 174 5.81 23.23 17.44
C TYR B 174 5.29 23.85 18.74
N ASP B 175 4.47 24.89 18.63
CA ASP B 175 3.97 25.61 19.79
C ASP B 175 2.69 24.99 20.37
N THR B 176 2.01 24.12 19.63
CA THR B 176 0.78 23.50 20.10
C THR B 176 0.91 22.00 20.33
N TYR B 177 2.15 21.50 20.40
CA TYR B 177 2.37 20.08 20.62
C TYR B 177 1.69 19.62 21.91
N SER B 178 0.99 18.49 21.84
CA SER B 178 0.09 18.10 22.93
C SER B 178 0.85 17.84 24.22
N TYR B 179 1.97 17.11 24.15
CA TYR B 179 2.72 16.78 25.35
C TYR B 179 3.38 17.98 26.00
N LYS B 180 3.42 19.13 25.32
CA LYS B 180 3.88 20.35 25.95
C LYS B 180 2.94 20.76 27.09
N GLN B 181 1.64 20.48 26.94
CA GLN B 181 0.68 20.77 28.00
C GLN B 181 0.72 19.72 29.10
N LYS B 182 0.89 18.45 28.72
CA LYS B 182 0.79 17.37 29.69
C LYS B 182 1.97 17.37 30.66
N PHE B 183 3.12 17.88 30.23
CA PHE B 183 4.31 17.98 31.09
C PHE B 183 4.68 19.45 31.18
N VAL B 184 3.94 20.19 32.01
CA VAL B 184 4.14 21.62 32.15
C VAL B 184 5.44 21.89 32.91
N ASP B 185 6.16 22.93 32.49
CA ASP B 185 7.42 23.37 33.09
C ASP B 185 8.51 22.31 33.04
N SER B 186 8.30 21.25 32.24
CA SER B 186 9.28 20.14 32.20
C SER B 186 9.50 19.61 30.78
N PHE B 187 8.61 19.92 29.83
CA PHE B 187 8.73 19.33 28.50
C PHE B 187 10.07 19.65 27.88
N ASP B 188 10.53 20.90 27.99
CA ASP B 188 11.82 21.27 27.46
C ASP B 188 12.94 20.46 28.11
N LYS B 189 12.88 20.30 29.44
CA LYS B 189 13.89 19.51 30.13
C LYS B 189 13.86 18.06 29.66
N ILE B 190 12.66 17.49 29.52
CA ILE B 190 12.55 16.11 29.05
C ILE B 190 13.07 15.98 27.62
N SER B 191 12.62 16.87 26.74
CA SER B 191 13.01 16.78 25.33
C SER B 191 14.49 17.05 25.13
N GLN B 192 15.05 17.99 25.90
CA GLN B 192 16.48 18.25 25.80
C GLN B 192 17.30 17.07 26.29
N GLU B 193 16.90 16.47 27.41
CA GLU B 193 17.56 15.26 27.89
C GLU B 193 17.48 14.15 26.85
N ILE B 194 16.33 14.00 26.21
CA ILE B 194 16.18 12.99 25.17
C ILE B 194 17.01 13.35 23.95
N GLU B 195 16.94 14.62 23.52
CA GLU B 195 17.72 15.05 22.37
C GLU B 195 19.21 14.88 22.62
N LYS B 196 19.67 15.24 23.82
CA LYS B 196 21.08 15.06 24.16
C LYS B 196 21.49 13.59 24.05
N ALA B 197 20.62 12.68 24.48
CA ALA B 197 20.96 11.26 24.42
C ALA B 197 21.02 10.77 22.97
N ILE B 198 20.08 11.19 22.13
CA ILE B 198 20.11 10.79 20.73
C ILE B 198 21.33 11.38 20.03
N LYS B 199 21.66 12.64 20.35
CA LYS B 199 22.85 13.25 19.78
C LYS B 199 24.13 12.59 20.27
N ASP B 200 24.08 11.84 21.39
CA ASP B 200 25.22 11.15 21.93
C ASP B 200 25.27 9.68 21.51
N ASP B 201 24.54 9.32 20.44
CA ASP B 201 24.52 7.96 19.91
C ASP B 201 24.04 6.96 20.97
N LYS B 202 23.06 7.38 21.77
CA LYS B 202 22.45 6.51 22.77
C LYS B 202 21.07 6.03 22.33
N GLY B 203 20.70 6.24 21.06
CA GLY B 203 19.38 5.87 20.61
C GLY B 203 19.12 4.38 20.68
N GLU B 204 20.10 3.58 20.25
CA GLU B 204 19.94 2.12 20.28
C GLU B 204 19.88 1.61 21.72
N ASP B 205 20.72 2.16 22.60
CA ASP B 205 20.62 1.82 24.02
C ASP B 205 19.26 2.19 24.58
N PHE B 206 18.70 3.31 24.12
CA PHE B 206 17.41 3.76 24.64
C PHE B 206 16.28 2.82 24.22
N VAL B 207 16.21 2.50 22.93
CA VAL B 207 15.13 1.63 22.45
C VAL B 207 15.27 0.22 23.03
N LYS B 208 16.49 -0.23 23.28
CA LYS B 208 16.67 -1.54 23.91
C LYS B 208 16.07 -1.55 25.31
N TRP B 209 16.37 -0.52 26.11
CA TRP B 209 15.78 -0.41 27.44
C TRP B 209 14.27 -0.22 27.37
N LEU B 210 13.78 0.46 26.33
CA LEU B 210 12.34 0.67 26.21
C LEU B 210 11.60 -0.64 25.95
N GLU B 211 12.19 -1.54 25.15
CA GLU B 211 11.59 -2.85 24.96
C GLU B 211 11.69 -3.69 26.22
N ASP B 212 12.87 -3.67 26.83
CA ASP B 212 13.12 -4.48 28.06
C ASP B 212 14.05 -3.70 28.98
N PRO B 213 13.61 -3.22 30.16
CA PRO B 213 12.39 -3.71 30.81
C PRO B 213 11.16 -2.79 30.78
N PHE B 214 11.24 -1.65 30.09
CA PHE B 214 10.13 -0.66 30.11
C PHE B 214 8.82 -1.27 29.61
N ARG B 215 8.80 -1.81 28.39
CA ARG B 215 7.53 -2.29 27.84
C ARG B 215 7.02 -3.52 28.56
N LYS B 216 7.90 -4.33 29.14
CA LYS B 216 7.45 -5.50 29.88
C LYS B 216 6.78 -5.14 31.20
N ILE B 217 6.99 -3.92 31.68
CA ILE B 217 6.41 -3.48 32.95
C ILE B 217 5.15 -2.65 32.73
N PHE B 218 5.19 -1.70 31.80
CA PHE B 218 4.10 -0.74 31.60
C PHE B 218 3.18 -1.10 30.45
N LYS B 219 3.41 -2.21 29.77
CA LYS B 219 2.53 -2.67 28.68
C LYS B 219 2.40 -4.18 28.76
N GLY B 220 1.27 -4.65 29.26
CA GLY B 220 1.01 -6.08 29.35
C GLY B 220 -0.45 -6.41 29.11
N GLU B 221 -1.31 -5.41 29.23
CA GLU B 221 -2.75 -5.58 29.08
C GLU B 221 -3.33 -4.34 28.42
N ASN B 222 -4.60 -4.45 28.01
CA ASN B 222 -5.28 -3.35 27.35
C ASN B 222 -5.31 -2.10 28.23
N LYS B 223 -5.94 -2.21 29.41
CA LYS B 223 -6.10 -1.09 30.33
C LYS B 223 -5.26 -1.30 31.58
N LEU B 224 -4.01 -1.73 31.39
CA LEU B 224 -3.13 -2.05 32.51
C LEU B 224 -2.91 -0.84 33.40
N LEU B 225 -2.58 0.30 32.80
CA LEU B 225 -2.31 1.52 33.55
C LEU B 225 -3.57 2.32 33.87
N GLU B 226 -4.75 1.75 33.63
CA GLU B 226 -6.00 2.41 33.95
C GLU B 226 -6.60 1.96 35.27
N LYS B 227 -6.19 0.81 35.79
CA LYS B 227 -6.71 0.26 37.03
C LYS B 227 -5.55 -0.11 37.93
N THR B 228 -5.54 0.43 39.15
CA THR B 228 -4.44 0.17 40.06
C THR B 228 -4.35 -1.32 40.41
N ALA B 229 -5.48 -2.02 40.47
CA ALA B 229 -5.45 -3.43 40.82
C ALA B 229 -4.78 -4.26 39.75
N LYS B 230 -5.09 -3.99 38.48
CA LYS B 230 -4.48 -4.75 37.39
C LYS B 230 -2.99 -4.46 37.28
N PHE B 231 -2.59 -3.20 37.47
CA PHE B 231 -1.17 -2.88 37.40
C PHE B 231 -0.41 -3.53 38.56
N LYS B 232 -1.01 -3.55 39.75
CA LYS B 232 -0.37 -4.21 40.88
C LYS B 232 -0.30 -5.72 40.66
N LYS B 233 -1.34 -6.30 40.07
CA LYS B 233 -1.30 -7.72 39.74
C LYS B 233 -0.22 -8.01 38.71
N HIS B 234 -0.05 -7.12 37.73
CA HIS B 234 1.02 -7.26 36.76
C HIS B 234 2.39 -7.14 37.41
N ILE B 235 2.50 -6.30 38.43
CA ILE B 235 3.78 -6.12 39.13
C ILE B 235 4.15 -7.39 39.89
N GLU B 236 3.18 -7.95 40.62
CA GLU B 236 3.44 -9.14 41.43
C GLU B 236 3.83 -10.32 40.55
N LYS B 237 3.21 -10.45 39.38
CA LYS B 237 3.58 -11.53 38.47
C LYS B 237 5.02 -11.38 38.00
N LEU B 238 5.44 -10.16 37.68
CA LEU B 238 6.82 -9.93 37.28
C LEU B 238 7.78 -10.21 38.43
N LEU B 239 7.42 -9.78 39.65
CA LEU B 239 8.28 -9.98 40.81
C LEU B 239 8.58 -11.45 41.06
N LYS B 240 7.73 -12.36 40.61
CA LYS B 240 7.95 -13.78 40.82
C LYS B 240 9.08 -14.34 39.99
N ASP B 241 9.53 -13.58 38.98
CA ASP B 241 10.63 -14.01 38.08
C ASP B 241 11.97 -13.69 38.76
N ASN B 242 11.90 -13.15 39.98
CA ASN B 242 13.10 -13.00 40.86
C ASN B 242 14.15 -12.14 40.16
N ASP B 243 15.41 -12.57 40.18
CA ASP B 243 16.54 -11.74 39.67
C ASP B 243 16.28 -11.39 38.20
N SER B 244 15.70 -12.33 37.44
CA SER B 244 15.48 -12.13 36.02
C SER B 244 14.22 -11.33 35.72
N SER B 245 13.59 -10.74 36.74
CA SER B 245 12.38 -9.97 36.52
C SER B 245 12.70 -8.64 35.85
N PRO B 246 11.76 -8.08 35.09
CA PRO B 246 11.98 -6.72 34.54
C PRO B 246 12.09 -5.67 35.63
N ILE B 247 11.48 -5.91 36.80
CA ILE B 247 11.58 -4.96 37.91
C ILE B 247 13.03 -4.80 38.33
N VAL B 248 13.75 -5.91 38.50
CA VAL B 248 15.14 -5.86 38.94
C VAL B 248 16.00 -5.14 37.90
N LYS B 249 15.81 -5.48 36.62
CA LYS B 249 16.58 -4.82 35.56
C LYS B 249 16.29 -3.33 35.53
N PHE B 250 15.04 -2.94 35.73
CA PHE B 250 14.70 -1.53 35.82
C PHE B 250 15.44 -0.86 36.97
N ASN B 251 15.38 -1.47 38.16
CA ASN B 251 15.99 -0.85 39.33
C ASN B 251 17.51 -0.89 39.27
N GLU B 252 18.09 -2.00 38.81
CA GLU B 252 19.52 -2.23 38.96
C GLU B 252 20.31 -1.99 37.68
N LYS B 253 19.72 -2.13 36.50
CA LYS B 253 20.46 -2.07 35.24
C LYS B 253 19.95 -0.98 34.30
N THR B 254 19.42 0.11 34.86
CA THR B 254 19.02 1.24 34.05
C THR B 254 20.18 2.23 33.96
N PRO B 255 20.64 2.57 32.76
CA PRO B 255 21.80 3.47 32.65
C PRO B 255 21.48 4.88 33.15
N GLN B 256 22.54 5.63 33.43
CA GLN B 256 22.38 6.93 34.07
C GLN B 256 21.64 7.91 33.17
N PHE B 257 21.89 7.86 31.87
CA PHE B 257 21.21 8.80 30.97
C PHE B 257 19.71 8.52 30.91
N ILE B 258 19.30 7.28 31.20
CA ILE B 258 17.88 6.97 31.24
C ILE B 258 17.28 7.37 32.58
N TRP B 259 18.05 7.32 33.67
CA TRP B 259 17.58 7.87 34.93
C TRP B 259 17.38 9.38 34.83
N ASP B 260 18.31 10.07 34.16
CA ASP B 260 18.18 11.51 33.97
C ASP B 260 16.92 11.84 33.17
N ILE B 261 16.63 11.04 32.15
CA ILE B 261 15.42 11.26 31.36
C ILE B 261 14.18 11.05 32.22
N LEU B 262 14.16 9.97 33.00
CA LEU B 262 13.01 9.70 33.87
C LEU B 262 12.85 10.77 34.93
N ASN B 263 13.96 11.29 35.45
CA ASN B 263 13.94 12.29 36.51
C ASN B 263 13.74 13.71 35.99
N ALA B 264 13.55 13.89 34.68
CA ALA B 264 13.17 15.19 34.13
C ALA B 264 11.66 15.38 34.11
N PHE B 265 10.89 14.30 34.19
CA PHE B 265 9.45 14.41 34.22
C PHE B 265 8.99 15.08 35.52
N PRO B 266 7.85 15.76 35.49
CA PRO B 266 7.37 16.43 36.71
C PRO B 266 7.09 15.42 37.81
N GLU B 267 7.25 15.87 39.06
CA GLU B 267 7.26 14.96 40.20
C GLU B 267 5.99 14.13 40.26
N GLY B 268 4.84 14.74 39.96
CA GLY B 268 3.60 13.99 39.97
C GLY B 268 3.39 13.04 38.81
N LYS B 269 4.34 13.03 37.86
CA LYS B 269 4.19 12.18 36.64
C LYS B 269 5.49 11.41 36.39
N LYS B 270 6.06 10.79 37.42
CA LYS B 270 7.29 10.02 37.31
C LYS B 270 7.01 8.54 37.57
N LEU B 271 7.61 7.68 36.75
CA LEU B 271 7.45 6.24 36.89
C LEU B 271 8.31 5.66 38.00
N ASN B 272 9.18 6.45 38.62
CA ASN B 272 10.15 5.94 39.57
C ASN B 272 10.06 6.72 40.88
N ASP B 273 10.41 6.02 41.97
CA ASP B 273 10.54 6.60 43.31
C ASP B 273 12.01 6.43 43.69
N GLY B 274 12.82 7.44 43.36
CA GLY B 274 14.27 7.30 43.57
C GLY B 274 14.86 6.50 42.42
N GLN B 275 15.67 5.49 42.70
CA GLN B 275 16.17 4.59 41.63
C GLN B 275 15.36 3.29 41.69
N LYS B 276 14.09 3.39 42.06
CA LYS B 276 13.24 2.17 42.18
C LYS B 276 11.91 2.41 41.46
N LEU B 277 11.40 1.36 40.80
CA LEU B 277 10.10 1.46 40.15
C LEU B 277 9.04 1.84 41.17
N TRP B 278 8.29 2.91 40.87
CA TRP B 278 7.16 3.26 41.71
C TRP B 278 6.10 2.17 41.61
N ILE B 279 5.92 1.40 42.67
CA ILE B 279 4.90 0.35 42.72
C ILE B 279 3.69 0.93 43.46
N PRO B 280 2.57 1.16 42.78
CA PRO B 280 1.39 1.70 43.48
C PRO B 280 0.95 0.76 44.59
N ASP B 281 0.65 1.34 45.75
CA ASP B 281 0.08 0.58 46.86
C ASP B 281 -1.44 0.56 46.73
N ASP B 282 -2.08 -0.21 47.61
CA ASP B 282 -3.52 -0.10 47.74
C ASP B 282 -3.89 1.31 48.19
N LYS B 283 -5.15 1.67 47.97
CA LYS B 283 -5.71 3.00 48.25
C LYS B 283 -5.24 4.04 47.23
N ILE B 284 -4.52 3.62 46.19
CA ILE B 284 -4.18 4.50 45.08
C ILE B 284 -5.32 4.47 44.07
N THR B 285 -5.98 5.61 43.87
CA THR B 285 -7.10 5.68 42.94
C THR B 285 -6.63 5.38 41.52
N ASN B 286 -7.51 4.72 40.75
CA ASN B 286 -7.22 4.49 39.33
C ASN B 286 -6.93 5.80 38.62
N ASP B 287 -7.63 6.87 38.99
CA ASP B 287 -7.37 8.17 38.38
C ASP B 287 -6.04 8.76 38.86
N ASN B 288 -5.61 8.39 40.07
CA ASN B 288 -4.28 8.81 40.52
C ASN B 288 -3.19 8.08 39.76
N LEU B 289 -3.38 6.78 39.52
CA LEU B 289 -2.41 6.01 38.76
C LEU B 289 -2.30 6.53 37.33
N SER B 290 -3.44 6.73 36.67
CA SER B 290 -3.44 7.24 35.30
C SER B 290 -2.80 8.62 35.23
N SER B 291 -3.18 9.51 36.15
CA SER B 291 -2.62 10.86 36.15
C SER B 291 -1.11 10.85 36.29
N ARG B 292 -0.55 9.80 36.91
CA ARG B 292 0.89 9.75 37.13
C ARG B 292 1.65 9.03 36.02
N VAL B 293 1.07 7.99 35.42
CA VAL B 293 1.82 7.15 34.50
C VAL B 293 1.30 7.18 33.07
N LYS B 294 0.05 7.60 32.83
CA LYS B 294 -0.53 7.48 31.49
C LYS B 294 0.27 8.27 30.46
N ASP B 295 0.36 9.60 30.66
CA ASP B 295 1.05 10.44 29.68
C ASP B 295 2.53 10.11 29.62
N THR B 296 3.14 9.83 30.78
CA THR B 296 4.58 9.55 30.80
C THR B 296 4.92 8.27 30.04
N VAL B 297 4.13 7.22 30.24
CA VAL B 297 4.39 5.96 29.53
C VAL B 297 4.12 6.12 28.05
N GLU B 298 3.01 6.78 27.68
CA GLU B 298 2.67 6.94 26.27
C GLU B 298 3.73 7.76 25.55
N PHE B 299 4.29 8.77 26.21
CA PHE B 299 5.32 9.58 25.58
C PHE B 299 6.61 8.79 25.43
N LEU B 300 7.04 8.14 26.50
CA LEU B 300 8.29 7.32 26.46
C LEU B 300 8.08 6.12 25.52
N ASN B 301 6.82 5.80 25.19
CA ASN B 301 6.55 4.61 24.35
C ASN B 301 6.43 5.03 22.88
N GLY B 302 7.38 5.80 22.37
CA GLY B 302 7.39 6.13 20.95
C GLY B 302 7.11 7.57 20.58
N LYS B 303 6.22 8.24 21.31
CA LYS B 303 5.85 9.61 20.95
C LYS B 303 7.03 10.55 21.03
N TRP B 304 7.95 10.31 21.97
CA TRP B 304 9.13 11.15 22.10
C TRP B 304 9.91 11.24 20.78
N PHE B 305 9.89 10.16 20.00
CA PHE B 305 10.63 10.15 18.74
C PHE B 305 9.94 10.98 17.67
N GLU B 306 8.61 11.07 17.72
CA GLU B 306 7.90 11.97 16.81
C GLU B 306 8.31 13.42 17.07
N TRP B 307 8.41 13.82 18.34
CA TRP B 307 8.82 15.17 18.65
C TRP B 307 10.29 15.40 18.30
N TYR B 308 11.15 14.43 18.65
CA TYR B 308 12.57 14.60 18.38
C TYR B 308 12.84 14.86 16.90
N VAL B 309 12.26 14.02 16.03
CA VAL B 309 12.49 14.17 14.60
C VAL B 309 11.86 15.46 14.09
N TYR B 310 10.68 15.82 14.61
CA TYR B 310 10.04 17.06 14.18
C TYR B 310 10.89 18.27 14.56
N SER B 311 11.47 18.26 15.76
CA SER B 311 12.31 19.37 16.19
C SER B 311 13.57 19.48 15.35
N GLN B 312 14.08 18.35 14.85
CA GLN B 312 15.27 18.38 14.00
C GLN B 312 14.93 18.91 12.60
N ILE B 313 13.70 18.69 12.14
CA ILE B 313 13.31 19.11 10.80
C ILE B 313 12.91 20.59 10.78
N LYS B 314 12.24 21.05 11.84
CA LYS B 314 11.69 22.39 11.86
C LYS B 314 12.79 23.44 11.70
N SER B 315 13.95 23.21 12.30
CA SER B 315 15.05 24.16 12.22
C SER B 315 15.43 24.46 10.77
N GLU B 316 15.76 23.41 10.02
CA GLU B 316 16.24 23.60 8.65
C GLU B 316 15.12 24.01 7.71
N LEU B 317 13.88 23.62 8.00
CA LEU B 317 12.76 24.02 7.16
C LEU B 317 12.47 25.51 7.27
N LEU B 318 12.67 26.10 8.46
CA LEU B 318 12.47 27.53 8.60
C LEU B 318 13.59 28.32 7.93
N ASP B 319 14.78 27.74 7.80
CA ASP B 319 15.83 28.36 7.01
C ASP B 319 15.42 28.46 5.54
N ARG B 320 14.62 27.51 5.08
CA ARG B 320 14.03 27.58 3.75
C ARG B 320 12.71 28.37 3.84
N LYS B 321 11.94 28.37 2.76
CA LYS B 321 10.72 29.16 2.68
C LYS B 321 9.52 28.50 3.34
N LEU B 322 9.67 27.27 3.83
CA LEU B 322 8.53 26.50 4.33
C LEU B 322 7.84 27.22 5.48
N LYS B 323 6.52 27.08 5.52
CA LYS B 323 5.69 27.70 6.55
C LYS B 323 4.97 26.62 7.33
N GLU B 324 5.18 26.60 8.65
CA GLU B 324 4.55 25.60 9.49
C GLU B 324 3.03 25.73 9.42
N GLY B 325 2.35 24.59 9.45
CA GLY B 325 0.90 24.55 9.30
C GLY B 325 0.43 24.50 7.87
N GLU B 326 1.14 25.14 6.95
CA GLU B 326 0.83 25.08 5.53
C GLU B 326 1.67 24.05 4.80
N HIS B 327 2.97 23.95 5.12
CA HIS B 327 3.87 23.10 4.38
C HIS B 327 4.52 22.01 5.22
N PHE B 328 4.41 22.06 6.55
CA PHE B 328 4.85 20.96 7.38
C PHE B 328 4.10 21.01 8.71
N GLY B 329 4.18 19.91 9.44
CA GLY B 329 3.49 19.78 10.71
C GLY B 329 3.62 18.38 11.24
N ILE B 330 3.03 18.17 12.41
CA ILE B 330 3.12 16.91 13.12
C ILE B 330 1.71 16.43 13.45
N SER B 331 1.53 15.10 13.48
CA SER B 331 0.26 14.46 13.82
C SER B 331 -0.86 14.95 12.89
N LEU B 332 -0.65 14.76 11.60
CA LEU B 332 -1.68 15.07 10.62
C LEU B 332 -2.78 14.02 10.67
N LYS B 333 -4.03 14.47 10.67
CA LYS B 333 -5.18 13.58 10.64
C LYS B 333 -6.28 14.21 9.81
N ALA B 334 -6.96 13.36 9.03
CA ALA B 334 -8.10 13.81 8.21
C ALA B 334 -8.94 12.57 7.83
N GLN B 335 -10.09 12.80 7.21
CA GLN B 335 -10.98 11.69 6.78
C GLN B 335 -11.55 12.03 5.41
N LYS B 336 -11.91 11.01 4.64
CA LYS B 336 -12.96 11.16 3.59
C LYS B 336 -14.33 11.11 4.28
N LYS B 337 -15.34 11.68 3.63
CA LYS B 337 -16.66 11.82 4.25
C LYS B 337 -17.20 10.44 4.65
N ASP B 338 -17.70 10.37 5.89
CA ASP B 338 -18.31 9.15 6.43
C ASP B 338 -17.36 7.97 6.44
N SER B 339 -16.06 8.24 6.57
CA SER B 339 -15.01 7.23 6.49
C SER B 339 -14.04 7.43 7.64
N PRO B 340 -13.29 6.38 8.01
CA PRO B 340 -12.39 6.50 9.16
C PRO B 340 -11.26 7.50 8.93
N TYR B 341 -10.76 8.04 10.03
CA TYR B 341 -9.62 8.95 9.98
C TYR B 341 -8.31 8.16 9.86
N PHE B 342 -7.30 8.83 9.32
CA PHE B 342 -5.93 8.34 9.35
C PHE B 342 -5.11 9.24 10.25
N GLU B 343 -3.93 8.77 10.62
CA GLU B 343 -2.97 9.57 11.38
C GLU B 343 -1.60 9.41 10.73
N LEU B 344 -1.04 10.54 10.29
CA LEU B 344 0.30 10.59 9.71
C LEU B 344 1.21 11.35 10.67
N ASP B 345 2.40 10.79 10.91
CA ASP B 345 3.29 11.33 11.94
C ASP B 345 3.75 12.74 11.58
N ILE B 346 4.38 12.90 10.42
CA ILE B 346 4.92 14.18 9.98
C ILE B 346 4.67 14.31 8.48
N PHE B 347 4.18 15.48 8.06
CA PHE B 347 4.04 15.78 6.65
C PHE B 347 4.95 16.96 6.28
N LEU B 348 5.45 16.92 5.05
CA LEU B 348 6.27 17.97 4.48
C LEU B 348 5.87 18.16 3.03
N ILE B 349 5.77 19.41 2.60
CA ILE B 349 5.40 19.75 1.23
C ILE B 349 6.55 20.55 0.63
N ASN B 350 7.26 19.94 -0.32
CA ASN B 350 8.35 20.59 -1.04
C ASN B 350 7.80 21.01 -2.40
N GLY B 351 7.44 22.28 -2.53
CA GLY B 351 6.78 22.77 -3.73
C GLY B 351 5.34 22.30 -3.77
N TYR B 352 5.04 21.32 -4.63
CA TYR B 352 3.74 20.67 -4.61
C TYR B 352 3.86 19.15 -4.48
N GLN B 353 5.00 18.66 -3.98
CA GLN B 353 5.17 17.24 -3.70
C GLN B 353 4.98 17.00 -2.21
N LEU B 354 4.01 16.16 -1.87
CA LEU B 354 3.85 15.73 -0.49
C LEU B 354 4.95 14.75 -0.11
N ILE B 355 5.50 14.93 1.08
CA ILE B 355 6.41 13.96 1.69
C ILE B 355 5.81 13.57 3.04
N GLY B 356 5.26 12.37 3.13
CA GLY B 356 4.77 11.84 4.39
C GLY B 356 5.86 11.03 5.07
N ILE B 357 6.01 11.25 6.37
CA ILE B 357 7.07 10.63 7.15
C ILE B 357 6.43 9.81 8.27
N SER B 358 6.66 8.50 8.23
CA SER B 358 6.20 7.58 9.27
C SER B 358 7.37 7.24 10.17
N LEU B 359 7.14 7.29 11.48
CA LEU B 359 8.19 7.15 12.48
C LEU B 359 7.93 5.94 13.36
N THR B 360 9.00 5.23 13.71
CA THR B 360 8.93 4.14 14.67
C THR B 360 10.32 3.90 15.24
N THR B 361 10.37 3.54 16.52
CA THR B 361 11.61 3.15 17.17
C THR B 361 11.87 1.66 17.07
N SER B 362 10.97 0.91 16.45
CA SER B 362 11.13 -0.53 16.32
C SER B 362 12.31 -0.88 15.44
N SER B 363 13.06 -1.91 15.85
CA SER B 363 14.14 -2.47 15.05
C SER B 363 13.74 -3.77 14.39
N THR B 364 12.45 -4.13 14.43
CA THR B 364 11.98 -5.41 13.91
C THR B 364 11.64 -5.28 12.43
N ARG B 365 12.06 -6.27 11.64
CA ARG B 365 11.83 -6.21 10.17
C ARG B 365 10.32 -6.29 9.87
N GLU B 366 9.61 -7.23 10.50
CA GLU B 366 8.18 -7.44 10.19
C GLU B 366 7.36 -6.18 10.46
N LEU B 367 7.51 -5.57 11.64
CA LEU B 367 6.66 -4.40 12.00
C LEU B 367 7.03 -3.22 11.11
N CYS B 368 8.33 -2.94 10.97
CA CYS B 368 8.74 -1.84 10.11
C CYS B 368 8.24 -2.04 8.69
N LYS B 369 8.22 -3.28 8.21
CA LYS B 369 7.70 -3.56 6.87
C LYS B 369 6.24 -3.14 6.75
N LEU B 370 5.41 -3.55 7.73
CA LEU B 370 4.00 -3.19 7.70
C LEU B 370 3.81 -1.68 7.76
N LYS B 371 4.64 -0.99 8.55
CA LYS B 371 4.59 0.47 8.56
C LYS B 371 5.08 1.05 7.24
N GLY B 372 5.93 0.33 6.52
CA GLY B 372 6.34 0.76 5.20
C GLY B 372 5.19 0.73 4.21
N PHE B 373 4.43 -0.37 4.21
CA PHE B 373 3.22 -0.43 3.40
C PHE B 373 2.25 0.69 3.77
N GLU B 374 2.13 0.97 5.07
CA GLU B 374 1.15 1.94 5.54
C GLU B 374 1.45 3.34 5.01
N VAL B 375 2.70 3.77 5.12
CA VAL B 375 3.03 5.13 4.70
C VAL B 375 2.98 5.26 3.18
N ILE B 376 3.24 4.17 2.45
CA ILE B 376 3.18 4.22 1.00
C ILE B 376 1.75 4.44 0.52
N HIS B 377 0.80 3.72 1.11
CA HIS B 377 -0.59 3.84 0.69
C HIS B 377 -1.18 5.17 1.12
N ARG B 378 -0.76 5.68 2.28
CA ARG B 378 -1.36 6.91 2.81
C ARG B 378 -1.00 8.12 1.95
N VAL B 379 0.28 8.27 1.60
CA VAL B 379 0.71 9.45 0.86
C VAL B 379 0.06 9.48 -0.52
N ARG B 380 -0.22 8.31 -1.11
CA ARG B 380 -0.90 8.31 -2.41
C ARG B 380 -2.39 8.62 -2.25
N GLN B 381 -2.98 8.26 -1.11
CA GLN B 381 -4.39 8.59 -0.87
C GLN B 381 -4.59 10.09 -0.71
N ILE B 382 -3.71 10.76 0.03
CA ILE B 382 -3.92 12.14 0.39
C ILE B 382 -3.14 13.11 -0.51
N GLY B 383 -2.12 12.64 -1.22
CA GLY B 383 -1.31 13.54 -2.01
C GLY B 383 -1.12 13.13 -3.46
N GLY B 384 -1.72 12.02 -3.86
CA GLY B 384 -1.62 11.57 -5.23
C GLY B 384 -0.47 10.61 -5.48
N ASP B 385 -0.40 10.14 -6.73
CA ASP B 385 0.48 9.05 -7.12
C ASP B 385 1.94 9.45 -7.26
N GLU B 386 2.27 10.74 -7.16
CA GLU B 386 3.67 11.16 -7.25
C GLU B 386 4.21 11.64 -5.90
N SER B 387 3.55 11.26 -4.80
CA SER B 387 4.02 11.61 -3.47
C SER B 387 5.17 10.71 -3.05
N LYS B 388 5.96 11.19 -2.10
CA LYS B 388 7.08 10.45 -1.53
C LYS B 388 6.74 10.01 -0.12
N ALA B 389 7.13 8.78 0.21
CA ALA B 389 6.95 8.24 1.55
C ALA B 389 8.32 7.99 2.18
N ILE B 390 8.50 8.45 3.40
CA ILE B 390 9.72 8.22 4.17
C ILE B 390 9.36 7.50 5.45
N LEU B 391 10.07 6.41 5.74
CA LEU B 391 9.90 5.65 6.96
C LEU B 391 11.20 5.72 7.75
N ILE B 392 11.11 6.21 8.99
CA ILE B 392 12.26 6.29 9.88
C ILE B 392 12.09 5.21 10.95
N THR B 393 13.02 4.27 10.99
CA THR B 393 12.93 3.09 11.84
C THR B 393 14.06 3.08 12.85
N GLY B 394 14.04 2.07 13.73
CA GLY B 394 15.14 1.77 14.61
C GLY B 394 16.05 0.67 14.11
N MET B 395 15.89 0.24 12.86
CA MET B 395 16.69 -0.85 12.31
C MET B 395 18.08 -0.36 11.92
N ASP B 396 18.99 -1.31 11.75
CA ASP B 396 20.34 -0.98 11.33
C ASP B 396 20.38 -0.81 9.81
N LYS B 397 21.56 -0.47 9.29
CA LYS B 397 21.68 -0.09 7.89
C LYS B 397 21.30 -1.23 6.95
N SER B 398 21.74 -2.46 7.28
CA SER B 398 21.46 -3.59 6.40
C SER B 398 19.97 -3.86 6.27
N LYS B 399 19.21 -3.65 7.36
CA LYS B 399 17.78 -3.94 7.32
C LYS B 399 17.03 -2.85 6.55
N THR B 400 17.45 -1.59 6.70
CA THR B 400 16.74 -0.51 6.01
C THR B 400 16.93 -0.61 4.51
N GLU B 401 18.13 -1.00 4.06
CA GLU B 401 18.34 -1.23 2.63
C GLU B 401 17.54 -2.43 2.15
N ASP B 402 17.44 -3.47 2.97
CA ASP B 402 16.60 -4.61 2.63
C ASP B 402 15.15 -4.18 2.45
N LEU B 403 14.62 -3.47 3.44
CA LEU B 403 13.21 -3.06 3.39
C LEU B 403 12.95 -2.15 2.21
N GLN B 404 13.88 -1.26 1.89
CA GLN B 404 13.70 -0.34 0.76
C GLN B 404 13.56 -1.10 -0.55
N LYS B 405 14.42 -2.11 -0.75
CA LYS B 405 14.32 -2.92 -1.95
C LYS B 405 13.08 -3.80 -1.93
N ASP B 406 12.64 -4.21 -0.74
CA ASP B 406 11.49 -5.10 -0.63
C ASP B 406 10.21 -4.43 -1.12
N LEU B 407 10.02 -3.16 -0.76
CA LEU B 407 8.77 -2.44 -1.02
C LEU B 407 8.85 -1.50 -2.20
N ALA B 408 10.01 -1.39 -2.85
CA ALA B 408 10.16 -0.49 -3.98
C ALA B 408 9.20 -0.87 -5.10
N TYR B 409 8.48 0.13 -5.62
CA TYR B 409 7.59 -0.04 -6.75
C TYR B 409 8.05 0.87 -7.87
N GLU B 410 7.96 0.38 -9.11
CA GLU B 410 8.46 1.10 -10.26
C GLU B 410 7.36 1.96 -10.87
N THR B 411 7.62 3.25 -11.00
CA THR B 411 6.67 4.18 -11.59
C THR B 411 7.28 5.01 -12.73
N GLY B 412 8.47 4.65 -13.19
CA GLY B 412 9.09 5.32 -14.31
C GLY B 412 10.06 6.43 -13.96
N SER B 413 10.25 6.71 -12.67
CA SER B 413 11.22 7.71 -12.24
C SER B 413 12.46 7.03 -11.70
N THR B 414 13.57 7.77 -11.69
CA THR B 414 14.83 7.25 -11.17
C THR B 414 15.02 7.53 -9.69
N GLN B 415 14.26 8.46 -9.12
CA GLN B 415 14.35 8.77 -7.71
C GLN B 415 13.33 7.96 -6.92
N LYS B 416 13.73 7.50 -5.75
CA LYS B 416 12.88 6.63 -4.95
C LYS B 416 11.72 7.39 -4.36
N ARG B 417 10.53 6.78 -4.41
CA ARG B 417 9.35 7.30 -3.75
C ARG B 417 9.13 6.72 -2.37
N PHE B 418 9.92 5.72 -1.99
CA PHE B 418 9.87 5.12 -0.66
C PHE B 418 11.29 5.08 -0.12
N VAL B 419 11.54 5.84 0.95
CA VAL B 419 12.87 5.95 1.55
C VAL B 419 12.78 5.46 2.99
N VAL B 420 13.79 4.69 3.41
CA VAL B 420 13.85 4.12 4.75
C VAL B 420 15.11 4.62 5.44
N PHE B 421 14.95 5.15 6.64
CA PHE B 421 16.08 5.51 7.49
C PHE B 421 16.08 4.62 8.73
N GLY B 422 17.25 4.48 9.33
CA GLY B 422 17.43 3.60 10.47
C GLY B 422 18.10 4.25 11.67
N ILE B 423 18.55 3.41 12.62
CA ILE B 423 19.03 3.92 13.90
C ILE B 423 20.24 4.82 13.71
N ASP B 424 21.12 4.50 12.75
CA ASP B 424 22.34 5.26 12.55
C ASP B 424 22.10 6.65 12.01
N ASP B 425 20.88 6.97 11.60
CA ASP B 425 20.55 8.28 11.05
C ASP B 425 19.89 9.19 12.07
N TRP B 426 19.71 8.75 13.31
CA TRP B 426 18.92 9.50 14.27
C TRP B 426 19.63 10.78 14.72
N ALA B 427 20.94 10.71 14.93
CA ALA B 427 21.66 11.86 15.48
C ALA B 427 21.62 13.05 14.53
N ASP B 428 21.67 12.79 13.22
CA ASP B 428 21.64 13.87 12.21
C ASP B 428 20.41 13.69 11.31
N ILE B 429 19.27 13.32 11.90
CA ILE B 429 18.08 13.03 11.11
C ILE B 429 17.54 14.27 10.40
N GLY B 430 17.83 15.47 10.94
CA GLY B 430 17.40 16.67 10.26
C GLY B 430 18.11 16.87 8.94
N SER B 431 19.43 16.66 8.92
CA SER B 431 20.18 16.79 7.68
C SER B 431 19.81 15.70 6.69
N LYS B 432 19.55 14.49 7.19
CA LYS B 432 19.22 13.38 6.31
C LYS B 432 17.91 13.61 5.58
N ILE B 433 16.91 14.14 6.29
CA ILE B 433 15.62 14.45 5.66
C ILE B 433 15.78 15.59 4.67
N CYS B 434 16.48 16.66 5.09
CA CYS B 434 16.68 17.81 4.22
C CYS B 434 17.38 17.41 2.92
N GLU B 435 18.39 16.55 3.01
CA GLU B 435 19.08 16.10 1.80
C GLU B 435 18.16 15.25 0.93
N GLU B 436 17.34 14.39 1.55
CA GLU B 436 16.48 13.50 0.79
C GLU B 436 15.32 14.24 0.14
N VAL B 437 14.77 15.23 0.84
CA VAL B 437 13.57 15.90 0.37
C VAL B 437 13.91 16.97 -0.67
N PHE B 438 14.85 17.85 -0.36
CA PHE B 438 15.21 18.98 -1.23
C PHE B 438 16.41 18.58 -2.07
N LYS B 439 16.15 18.02 -3.23
CA LYS B 439 17.21 17.47 -4.08
C LYS B 439 16.77 17.37 -5.54
#